data_1BJD
# 
_entry.id   1BJD 
# 
_audit_conform.dict_name       mmcif_pdbx.dic 
_audit_conform.dict_version    5.392 
_audit_conform.dict_location   http://mmcif.pdb.org/dictionaries/ascii/mmcif_pdbx.dic 
# 
loop_
_database_2.database_id 
_database_2.database_code 
_database_2.pdbx_database_accession 
_database_2.pdbx_DOI 
PDB   1BJD         pdb_00001bjd 10.2210/pdb1bjd/pdb 
WWPDB D_1000171825 ?            ?                   
# 
loop_
_pdbx_audit_revision_history.ordinal 
_pdbx_audit_revision_history.data_content_type 
_pdbx_audit_revision_history.major_revision 
_pdbx_audit_revision_history.minor_revision 
_pdbx_audit_revision_history.revision_date 
1 'Structure model' 1 0 1999-01-13 
2 'Structure model' 1 1 2008-03-24 
3 'Structure model' 1 2 2011-07-13 
4 'Structure model' 1 3 2022-02-16 
5 'Structure model' 1 4 2024-05-22 
# 
_pdbx_audit_revision_details.ordinal             1 
_pdbx_audit_revision_details.revision_ordinal    1 
_pdbx_audit_revision_details.data_content_type   'Structure model' 
_pdbx_audit_revision_details.provider            repository 
_pdbx_audit_revision_details.type                'Initial release' 
_pdbx_audit_revision_details.description         ? 
_pdbx_audit_revision_details.details             ? 
# 
loop_
_pdbx_audit_revision_group.ordinal 
_pdbx_audit_revision_group.revision_ordinal 
_pdbx_audit_revision_group.data_content_type 
_pdbx_audit_revision_group.group 
1 2 'Structure model' 'Version format compliance' 
2 3 'Structure model' 'Version format compliance' 
3 4 'Structure model' 'Database references'       
4 4 'Structure model' 'Derived calculations'      
5 4 'Structure model' Other                       
6 5 'Structure model' 'Data collection'           
# 
loop_
_pdbx_audit_revision_category.ordinal 
_pdbx_audit_revision_category.revision_ordinal 
_pdbx_audit_revision_category.data_content_type 
_pdbx_audit_revision_category.category 
1 4 'Structure model' database_2            
2 4 'Structure model' pdbx_database_status  
3 4 'Structure model' pdbx_struct_assembly  
4 4 'Structure model' pdbx_struct_oper_list 
5 5 'Structure model' chem_comp_atom        
6 5 'Structure model' chem_comp_bond        
# 
loop_
_pdbx_audit_revision_item.ordinal 
_pdbx_audit_revision_item.revision_ordinal 
_pdbx_audit_revision_item.data_content_type 
_pdbx_audit_revision_item.item 
1 4 'Structure model' '_database_2.pdbx_DOI'                
2 4 'Structure model' '_database_2.pdbx_database_accession' 
3 4 'Structure model' '_pdbx_database_status.process_site'  
# 
_pdbx_database_status.status_code                     REL 
_pdbx_database_status.entry_id                        1BJD 
_pdbx_database_status.recvd_initial_deposition_date   1998-06-24 
_pdbx_database_status.deposit_site                    ? 
_pdbx_database_status.process_site                    BNL 
_pdbx_database_status.SG_entry                        . 
_pdbx_database_status.pdb_format_compatible           Y 
_pdbx_database_status.status_code_mr                  ? 
_pdbx_database_status.status_code_sf                  ? 
_pdbx_database_status.status_code_cs                  ? 
_pdbx_database_status.status_code_nmr_data            ? 
_pdbx_database_status.methods_development_category    ? 
# 
loop_
_audit_author.name 
_audit_author.pdbx_ordinal 
'Allawi, H.T.'          1 
'Santalucia Junior, J.' 2 
# 
_citation.id                        primary 
_citation.title                     'NMR solution structure of a DNA dodecamer containing single G*T mismatches.' 
_citation.journal_abbrev            'Nucleic Acids Res.' 
_citation.journal_volume            26 
_citation.page_first                4925 
_citation.page_last                 4934 
_citation.year                      1998 
_citation.journal_id_ASTM           NARHAD 
_citation.country                   UK 
_citation.journal_id_ISSN           0305-1048 
_citation.journal_id_CSD            0389 
_citation.book_publisher            ? 
_citation.pdbx_database_id_PubMed   9776755 
_citation.pdbx_database_id_DOI      10.1093/nar/26.21.4925 
# 
loop_
_citation_author.citation_id 
_citation_author.name 
_citation_author.ordinal 
_citation_author.identifier_ORCID 
primary 'Allawi, H.T.'       1 ? 
primary 'SantaLucia Jr., J.' 2 ? 
# 
_entity.id                         1 
_entity.type                       polymer 
_entity.src_method                 syn 
_entity.pdbx_description           
;DNA (5'-D(*CP*GP*TP*GP*AP*CP*GP*TP*TP*AP*CP*G)-3')
;
_entity.formula_weight             3678.403 
_entity.pdbx_number_of_molecules   2 
_entity.pdbx_ec                    ? 
_entity.pdbx_mutation              ? 
_entity.pdbx_fragment              ? 
_entity.details                    ? 
# 
_entity_poly.entity_id                      1 
_entity_poly.type                           polydeoxyribonucleotide 
_entity_poly.nstd_linkage                   no 
_entity_poly.nstd_monomer                   no 
_entity_poly.pdbx_seq_one_letter_code       '(DC)(DG)(DT)(DG)(DA)(DC)(DG)(DT)(DT)(DA)(DC)(DG)' 
_entity_poly.pdbx_seq_one_letter_code_can   CGTGACGTTACG 
_entity_poly.pdbx_strand_id                 A,B 
_entity_poly.pdbx_target_identifier         ? 
# 
loop_
_entity_poly_seq.entity_id 
_entity_poly_seq.num 
_entity_poly_seq.mon_id 
_entity_poly_seq.hetero 
1 1  DC n 
1 2  DG n 
1 3  DT n 
1 4  DG n 
1 5  DA n 
1 6  DC n 
1 7  DG n 
1 8  DT n 
1 9  DT n 
1 10 DA n 
1 11 DC n 
1 12 DG n 
# 
loop_
_chem_comp.id 
_chem_comp.type 
_chem_comp.mon_nstd_flag 
_chem_comp.name 
_chem_comp.pdbx_synonyms 
_chem_comp.formula 
_chem_comp.formula_weight 
DA 'DNA linking' y "2'-DEOXYADENOSINE-5'-MONOPHOSPHATE" ? 'C10 H14 N5 O6 P' 331.222 
DC 'DNA linking' y "2'-DEOXYCYTIDINE-5'-MONOPHOSPHATE"  ? 'C9 H14 N3 O7 P'  307.197 
DG 'DNA linking' y "2'-DEOXYGUANOSINE-5'-MONOPHOSPHATE" ? 'C10 H14 N5 O7 P' 347.221 
DT 'DNA linking' y "THYMIDINE-5'-MONOPHOSPHATE"         ? 'C10 H15 N2 O8 P' 322.208 
# 
loop_
_pdbx_poly_seq_scheme.asym_id 
_pdbx_poly_seq_scheme.entity_id 
_pdbx_poly_seq_scheme.seq_id 
_pdbx_poly_seq_scheme.mon_id 
_pdbx_poly_seq_scheme.ndb_seq_num 
_pdbx_poly_seq_scheme.pdb_seq_num 
_pdbx_poly_seq_scheme.auth_seq_num 
_pdbx_poly_seq_scheme.pdb_mon_id 
_pdbx_poly_seq_scheme.auth_mon_id 
_pdbx_poly_seq_scheme.pdb_strand_id 
_pdbx_poly_seq_scheme.pdb_ins_code 
_pdbx_poly_seq_scheme.hetero 
A 1 1  DC 1  1  1  DC C A . n 
A 1 2  DG 2  2  2  DG G A . n 
A 1 3  DT 3  3  3  DT T A . n 
A 1 4  DG 4  4  4  DG G A . n 
A 1 5  DA 5  5  5  DA A A . n 
A 1 6  DC 6  6  6  DC C A . n 
A 1 7  DG 7  7  7  DG G A . n 
A 1 8  DT 8  8  8  DT T A . n 
A 1 9  DT 9  9  9  DT T A . n 
A 1 10 DA 10 10 10 DA A A . n 
A 1 11 DC 11 11 11 DC C A . n 
A 1 12 DG 12 12 12 DG G A . n 
B 1 1  DC 1  1  1  DC C B . n 
B 1 2  DG 2  2  2  DG G B . n 
B 1 3  DT 3  3  3  DT T B . n 
B 1 4  DG 4  4  4  DG G B . n 
B 1 5  DA 5  5  5  DA A B . n 
B 1 6  DC 6  6  6  DC C B . n 
B 1 7  DG 7  7  7  DG G B . n 
B 1 8  DT 8  8  8  DT T B . n 
B 1 9  DT 9  9  9  DT T B . n 
B 1 10 DA 10 10 10 DA A B . n 
B 1 11 DC 11 11 11 DC C B . n 
B 1 12 DG 12 12 12 DG G B . n 
# 
loop_
_software.name 
_software.classification 
_software.version 
_software.citation_id 
_software.pdbx_ordinal 
VNMR   'model building' . ? 1 
X-PLOR 'model building' . ? 2 
X-PLOR refinement       . ? 3 
VNMR   phasing          . ? 4 
X-PLOR phasing          . ? 5 
# 
_cell.entry_id           1BJD 
_cell.length_a           1.000 
_cell.length_b           1.000 
_cell.length_c           1.000 
_cell.angle_alpha        90.00 
_cell.angle_beta         90.00 
_cell.angle_gamma        90.00 
_cell.Z_PDB              1 
_cell.pdbx_unique_axis   ? 
# 
_symmetry.entry_id                         1BJD 
_symmetry.space_group_name_H-M             'P 1' 
_symmetry.pdbx_full_space_group_name_H-M   ? 
_symmetry.cell_setting                     ? 
_symmetry.Int_Tables_number                1 
# 
_exptl.entry_id          1BJD 
_exptl.method            'SOLUTION NMR' 
_exptl.crystals_number   ? 
# 
_struct.entry_id                  1BJD 
_struct.title                     
;SOLUTION STRUCTURE OF A DNA DODECAMER CONTAINING SINGLE G*T MISMATCHES USING RELAXATION MATRIX ANALYSIS AND RESTRAINED MOLECULAR DYNAMICS, NMR, 1 STRUCTURE
;
_struct.pdbx_model_details        ? 
_struct.pdbx_CASP_flag            ? 
_struct.pdbx_model_type_details   ? 
# 
_struct_keywords.entry_id        1BJD 
_struct_keywords.pdbx_keywords   DNA 
_struct_keywords.text            'DEOXYRIBONUCLEIC ACID, DNA, G*T MISMATCH' 
# 
loop_
_struct_asym.id 
_struct_asym.pdbx_blank_PDB_chainid_flag 
_struct_asym.pdbx_modified 
_struct_asym.entity_id 
_struct_asym.details 
A N N 1 ? 
B N N 1 ? 
# 
_struct_ref.id                         1 
_struct_ref.entity_id                  1 
_struct_ref.db_name                    PDB 
_struct_ref.db_code                    1BJD 
_struct_ref.pdbx_db_accession          1BJD 
_struct_ref.pdbx_db_isoform            ? 
_struct_ref.pdbx_seq_one_letter_code   ? 
_struct_ref.pdbx_align_begin           ? 
# 
loop_
_struct_ref_seq.align_id 
_struct_ref_seq.ref_id 
_struct_ref_seq.pdbx_PDB_id_code 
_struct_ref_seq.pdbx_strand_id 
_struct_ref_seq.seq_align_beg 
_struct_ref_seq.pdbx_seq_align_beg_ins_code 
_struct_ref_seq.seq_align_end 
_struct_ref_seq.pdbx_seq_align_end_ins_code 
_struct_ref_seq.pdbx_db_accession 
_struct_ref_seq.db_align_beg 
_struct_ref_seq.pdbx_db_align_beg_ins_code 
_struct_ref_seq.db_align_end 
_struct_ref_seq.pdbx_db_align_end_ins_code 
_struct_ref_seq.pdbx_auth_seq_align_beg 
_struct_ref_seq.pdbx_auth_seq_align_end 
1 1 1BJD A 1 ? 12 ? 1BJD 1 ? 12 ? 1 12 
2 1 1BJD B 1 ? 12 ? 1BJD 1 ? 12 ? 1 12 
# 
_pdbx_struct_assembly.id                   1 
_pdbx_struct_assembly.details              author_defined_assembly 
_pdbx_struct_assembly.method_details       ? 
_pdbx_struct_assembly.oligomeric_details   dimeric 
_pdbx_struct_assembly.oligomeric_count     2 
# 
_pdbx_struct_assembly_gen.assembly_id       1 
_pdbx_struct_assembly_gen.oper_expression   1 
_pdbx_struct_assembly_gen.asym_id_list      A,B 
# 
_pdbx_struct_oper_list.id                   1 
_pdbx_struct_oper_list.type                 'identity operation' 
_pdbx_struct_oper_list.name                 1_555 
_pdbx_struct_oper_list.symmetry_operation   x,y,z 
_pdbx_struct_oper_list.matrix[1][1]         1.0000000000 
_pdbx_struct_oper_list.matrix[1][2]         0.0000000000 
_pdbx_struct_oper_list.matrix[1][3]         0.0000000000 
_pdbx_struct_oper_list.vector[1]            0.0000000000 
_pdbx_struct_oper_list.matrix[2][1]         0.0000000000 
_pdbx_struct_oper_list.matrix[2][2]         1.0000000000 
_pdbx_struct_oper_list.matrix[2][3]         0.0000000000 
_pdbx_struct_oper_list.vector[2]            0.0000000000 
_pdbx_struct_oper_list.matrix[3][1]         0.0000000000 
_pdbx_struct_oper_list.matrix[3][2]         0.0000000000 
_pdbx_struct_oper_list.matrix[3][3]         1.0000000000 
_pdbx_struct_oper_list.vector[3]            0.0000000000 
# 
_struct_biol.id   1 
# 
loop_
_struct_conn.id 
_struct_conn.conn_type_id 
_struct_conn.pdbx_leaving_atom_flag 
_struct_conn.pdbx_PDB_id 
_struct_conn.ptnr1_label_asym_id 
_struct_conn.ptnr1_label_comp_id 
_struct_conn.ptnr1_label_seq_id 
_struct_conn.ptnr1_label_atom_id 
_struct_conn.pdbx_ptnr1_label_alt_id 
_struct_conn.pdbx_ptnr1_PDB_ins_code 
_struct_conn.pdbx_ptnr1_standard_comp_id 
_struct_conn.ptnr1_symmetry 
_struct_conn.ptnr2_label_asym_id 
_struct_conn.ptnr2_label_comp_id 
_struct_conn.ptnr2_label_seq_id 
_struct_conn.ptnr2_label_atom_id 
_struct_conn.pdbx_ptnr2_label_alt_id 
_struct_conn.pdbx_ptnr2_PDB_ins_code 
_struct_conn.ptnr1_auth_asym_id 
_struct_conn.ptnr1_auth_comp_id 
_struct_conn.ptnr1_auth_seq_id 
_struct_conn.ptnr2_auth_asym_id 
_struct_conn.ptnr2_auth_comp_id 
_struct_conn.ptnr2_auth_seq_id 
_struct_conn.ptnr2_symmetry 
_struct_conn.pdbx_ptnr3_label_atom_id 
_struct_conn.pdbx_ptnr3_label_seq_id 
_struct_conn.pdbx_ptnr3_label_comp_id 
_struct_conn.pdbx_ptnr3_label_asym_id 
_struct_conn.pdbx_ptnr3_label_alt_id 
_struct_conn.pdbx_ptnr3_PDB_ins_code 
_struct_conn.details 
_struct_conn.pdbx_dist_value 
_struct_conn.pdbx_value_order 
_struct_conn.pdbx_role 
hydrog1  hydrog ? ? A DC 1  N3 ? ? ? 1_555 B DG 12 N1 ? ? A DC 1  B DG 12 1_555 ? ? ? ? ? ? WATSON-CRICK ? ? ? 
hydrog2  hydrog ? ? A DC 1  N4 ? ? ? 1_555 B DG 12 O6 ? ? A DC 1  B DG 12 1_555 ? ? ? ? ? ? WATSON-CRICK ? ? ? 
hydrog3  hydrog ? ? A DC 1  O2 ? ? ? 1_555 B DG 12 N2 ? ? A DC 1  B DG 12 1_555 ? ? ? ? ? ? WATSON-CRICK ? ? ? 
hydrog4  hydrog ? ? A DG 2  N1 ? ? ? 1_555 B DC 11 N3 ? ? A DG 2  B DC 11 1_555 ? ? ? ? ? ? WATSON-CRICK ? ? ? 
hydrog5  hydrog ? ? A DG 2  N2 ? ? ? 1_555 B DC 11 O2 ? ? A DG 2  B DC 11 1_555 ? ? ? ? ? ? WATSON-CRICK ? ? ? 
hydrog6  hydrog ? ? A DG 2  O6 ? ? ? 1_555 B DC 11 N4 ? ? A DG 2  B DC 11 1_555 ? ? ? ? ? ? WATSON-CRICK ? ? ? 
hydrog7  hydrog ? ? A DT 3  N3 ? ? ? 1_555 B DA 10 N1 ? ? A DT 3  B DA 10 1_555 ? ? ? ? ? ? WATSON-CRICK ? ? ? 
hydrog8  hydrog ? ? A DT 3  O4 ? ? ? 1_555 B DA 10 N6 ? ? A DT 3  B DA 10 1_555 ? ? ? ? ? ? WATSON-CRICK ? ? ? 
hydrog9  hydrog ? ? A DG 4  N1 ? ? ? 1_555 B DT 9  O2 ? ? A DG 4  B DT 9  1_555 ? ? ? ? ? ? TYPE_28_PAIR ? ? ? 
hydrog10 hydrog ? ? A DG 4  O6 ? ? ? 1_555 B DT 9  N3 ? ? A DG 4  B DT 9  1_555 ? ? ? ? ? ? TYPE_28_PAIR ? ? ? 
hydrog11 hydrog ? ? A DA 5  N1 ? ? ? 1_555 B DT 8  N3 ? ? A DA 5  B DT 8  1_555 ? ? ? ? ? ? WATSON-CRICK ? ? ? 
hydrog12 hydrog ? ? A DA 5  N6 ? ? ? 1_555 B DT 8  O4 ? ? A DA 5  B DT 8  1_555 ? ? ? ? ? ? WATSON-CRICK ? ? ? 
hydrog13 hydrog ? ? A DC 6  N3 ? ? ? 1_555 B DG 7  N1 ? ? A DC 6  B DG 7  1_555 ? ? ? ? ? ? WATSON-CRICK ? ? ? 
hydrog14 hydrog ? ? A DC 6  N4 ? ? ? 1_555 B DG 7  O6 ? ? A DC 6  B DG 7  1_555 ? ? ? ? ? ? WATSON-CRICK ? ? ? 
hydrog15 hydrog ? ? A DC 6  O2 ? ? ? 1_555 B DG 7  N2 ? ? A DC 6  B DG 7  1_555 ? ? ? ? ? ? WATSON-CRICK ? ? ? 
hydrog16 hydrog ? ? A DG 7  N1 ? ? ? 1_555 B DC 6  N3 ? ? A DG 7  B DC 6  1_555 ? ? ? ? ? ? WATSON-CRICK ? ? ? 
hydrog17 hydrog ? ? A DG 7  N2 ? ? ? 1_555 B DC 6  O2 ? ? A DG 7  B DC 6  1_555 ? ? ? ? ? ? WATSON-CRICK ? ? ? 
hydrog18 hydrog ? ? A DG 7  O6 ? ? ? 1_555 B DC 6  N4 ? ? A DG 7  B DC 6  1_555 ? ? ? ? ? ? WATSON-CRICK ? ? ? 
hydrog19 hydrog ? ? A DT 8  N3 ? ? ? 1_555 B DA 5  N1 ? ? A DT 8  B DA 5  1_555 ? ? ? ? ? ? WATSON-CRICK ? ? ? 
hydrog20 hydrog ? ? A DT 8  O4 ? ? ? 1_555 B DA 5  N6 ? ? A DT 8  B DA 5  1_555 ? ? ? ? ? ? WATSON-CRICK ? ? ? 
hydrog21 hydrog ? ? A DT 9  N3 ? ? ? 1_555 B DG 4  O6 ? ? A DT 9  B DG 4  1_555 ? ? ? ? ? ? TYPE_28_PAIR ? ? ? 
hydrog22 hydrog ? ? A DT 9  O2 ? ? ? 1_555 B DG 4  N1 ? ? A DT 9  B DG 4  1_555 ? ? ? ? ? ? TYPE_28_PAIR ? ? ? 
hydrog23 hydrog ? ? A DA 10 N1 ? ? ? 1_555 B DT 3  N3 ? ? A DA 10 B DT 3  1_555 ? ? ? ? ? ? WATSON-CRICK ? ? ? 
hydrog24 hydrog ? ? A DA 10 N6 ? ? ? 1_555 B DT 3  O4 ? ? A DA 10 B DT 3  1_555 ? ? ? ? ? ? WATSON-CRICK ? ? ? 
hydrog25 hydrog ? ? A DC 11 N3 ? ? ? 1_555 B DG 2  N1 ? ? A DC 11 B DG 2  1_555 ? ? ? ? ? ? WATSON-CRICK ? ? ? 
hydrog26 hydrog ? ? A DC 11 N4 ? ? ? 1_555 B DG 2  O6 ? ? A DC 11 B DG 2  1_555 ? ? ? ? ? ? WATSON-CRICK ? ? ? 
hydrog27 hydrog ? ? A DC 11 O2 ? ? ? 1_555 B DG 2  N2 ? ? A DC 11 B DG 2  1_555 ? ? ? ? ? ? WATSON-CRICK ? ? ? 
hydrog28 hydrog ? ? A DG 12 N1 ? ? ? 1_555 B DC 1  N3 ? ? A DG 12 B DC 1  1_555 ? ? ? ? ? ? WATSON-CRICK ? ? ? 
hydrog29 hydrog ? ? A DG 12 N2 ? ? ? 1_555 B DC 1  O2 ? ? A DG 12 B DC 1  1_555 ? ? ? ? ? ? WATSON-CRICK ? ? ? 
hydrog30 hydrog ? ? A DG 12 O6 ? ? ? 1_555 B DC 1  N4 ? ? A DG 12 B DC 1  1_555 ? ? ? ? ? ? WATSON-CRICK ? ? ? 
# 
_struct_conn_type.id          hydrog 
_struct_conn_type.criteria    ? 
_struct_conn_type.reference   ? 
# 
loop_
_pdbx_validate_rmsd_angle.id 
_pdbx_validate_rmsd_angle.PDB_model_num 
_pdbx_validate_rmsd_angle.auth_atom_id_1 
_pdbx_validate_rmsd_angle.auth_asym_id_1 
_pdbx_validate_rmsd_angle.auth_comp_id_1 
_pdbx_validate_rmsd_angle.auth_seq_id_1 
_pdbx_validate_rmsd_angle.PDB_ins_code_1 
_pdbx_validate_rmsd_angle.label_alt_id_1 
_pdbx_validate_rmsd_angle.auth_atom_id_2 
_pdbx_validate_rmsd_angle.auth_asym_id_2 
_pdbx_validate_rmsd_angle.auth_comp_id_2 
_pdbx_validate_rmsd_angle.auth_seq_id_2 
_pdbx_validate_rmsd_angle.PDB_ins_code_2 
_pdbx_validate_rmsd_angle.label_alt_id_2 
_pdbx_validate_rmsd_angle.auth_atom_id_3 
_pdbx_validate_rmsd_angle.auth_asym_id_3 
_pdbx_validate_rmsd_angle.auth_comp_id_3 
_pdbx_validate_rmsd_angle.auth_seq_id_3 
_pdbx_validate_rmsd_angle.PDB_ins_code_3 
_pdbx_validate_rmsd_angle.label_alt_id_3 
_pdbx_validate_rmsd_angle.angle_value 
_pdbx_validate_rmsd_angle.angle_target_value 
_pdbx_validate_rmsd_angle.angle_deviation 
_pdbx_validate_rmsd_angle.angle_standard_deviation 
_pdbx_validate_rmsd_angle.linker_flag 
1  1 "C4'" A DC 1  ? ? "C3'" A DC 1  ? ? "C2'" A DC 1  ? ? 109.20 103.10 6.10 0.90 N 
2  1 "C4'" A DG 2  ? ? "C3'" A DG 2  ? ? "C2'" A DG 2  ? ? 108.69 103.10 5.59 0.90 N 
3  1 "C4'" A DT 3  ? ? "C3'" A DT 3  ? ? "C2'" A DT 3  ? ? 108.60 103.10 5.50 0.90 N 
4  1 "C4'" A DA 5  ? ? "C3'" A DA 5  ? ? "C2'" A DA 5  ? ? 108.85 103.10 5.75 0.90 N 
5  1 "C4'" A DC 6  ? ? "C3'" A DC 6  ? ? "C2'" A DC 6  ? ? 108.89 103.10 5.79 0.90 N 
6  1 "C4'" A DG 7  ? ? "C3'" A DG 7  ? ? "C2'" A DG 7  ? ? 108.85 103.10 5.75 0.90 N 
7  1 "C4'" A DT 8  ? ? "C3'" A DT 8  ? ? "C2'" A DT 8  ? ? 108.71 103.10 5.61 0.90 N 
8  1 "C4'" A DT 9  ? ? "C3'" A DT 9  ? ? "C2'" A DT 9  ? ? 108.85 103.10 5.75 0.90 N 
9  1 "C4'" A DA 10 ? ? "C3'" A DA 10 ? ? "C2'" A DA 10 ? ? 108.71 103.10 5.61 0.90 N 
10 1 "C4'" A DC 11 ? ? "C3'" A DC 11 ? ? "C2'" A DC 11 ? ? 108.61 103.10 5.51 0.90 N 
11 1 "C4'" B DC 1  ? ? "C3'" B DC 1  ? ? "C2'" B DC 1  ? ? 109.18 103.10 6.08 0.90 N 
12 1 "C4'" B DG 2  ? ? "C3'" B DG 2  ? ? "C2'" B DG 2  ? ? 108.66 103.10 5.56 0.90 N 
13 1 "C4'" B DT 3  ? ? "C3'" B DT 3  ? ? "C2'" B DT 3  ? ? 108.59 103.10 5.49 0.90 N 
14 1 "C4'" B DA 5  ? ? "C3'" B DA 5  ? ? "C2'" B DA 5  ? ? 108.84 103.10 5.74 0.90 N 
15 1 "C4'" B DC 6  ? ? "C3'" B DC 6  ? ? "C2'" B DC 6  ? ? 108.86 103.10 5.76 0.90 N 
16 1 "C4'" B DG 7  ? ? "C3'" B DG 7  ? ? "C2'" B DG 7  ? ? 108.81 103.10 5.71 0.90 N 
17 1 "C4'" B DT 8  ? ? "C3'" B DT 8  ? ? "C2'" B DT 8  ? ? 108.72 103.10 5.62 0.90 N 
18 1 "C4'" B DT 9  ? ? "C3'" B DT 9  ? ? "C2'" B DT 9  ? ? 108.82 103.10 5.72 0.90 N 
19 1 "C4'" B DA 10 ? ? "C3'" B DA 10 ? ? "C2'" B DA 10 ? ? 108.71 103.10 5.61 0.90 N 
20 1 "C4'" B DC 11 ? ? "C3'" B DC 11 ? ? "C2'" B DC 11 ? ? 108.56 103.10 5.46 0.90 N 
# 
_pdbx_nmr_ensemble.entry_id                             1BJD 
_pdbx_nmr_ensemble.conformers_calculated_total_number   1 
_pdbx_nmr_ensemble.conformers_submitted_total_number    1 
_pdbx_nmr_ensemble.conformer_selection_criteria         ? 
# 
_pdbx_nmr_representative.entry_id             1BJD 
_pdbx_nmr_representative.conformer_id         13 
_pdbx_nmr_representative.selection_criteria   ? 
# 
_pdbx_nmr_sample_details.solution_id   1 
_pdbx_nmr_sample_details.contents      WATER 
# 
_pdbx_nmr_exptl_sample_conditions.conditions_id       1 
_pdbx_nmr_exptl_sample_conditions.temperature         298 
_pdbx_nmr_exptl_sample_conditions.pressure            ? 
_pdbx_nmr_exptl_sample_conditions.pH                  7 
_pdbx_nmr_exptl_sample_conditions.ionic_strength      ? 
_pdbx_nmr_exptl_sample_conditions.pressure_units      . 
_pdbx_nmr_exptl_sample_conditions.temperature_units   K 
# 
loop_
_pdbx_nmr_exptl.experiment_id 
_pdbx_nmr_exptl.conditions_id 
_pdbx_nmr_exptl.type 
_pdbx_nmr_exptl.solution_id 
1 1 NOESY  1 
2 1 COSY   1 
3 1 HETCOR 1 
# 
_pdbx_nmr_details.entry_id   1BJD 
_pdbx_nmr_details.text       'MEAN STRUCTURE. STRUCTURE WAS DETERMINED USING RELAXATION MATRIX ANALYSIS OF NOE DATA.' 
# 
_pdbx_nmr_refine.entry_id           1BJD 
_pdbx_nmr_refine.method             'RESTRAINED MOLECULAR DYNAMICS' 
_pdbx_nmr_refine.details            'RESTRAINED DISTANCES AND DIHEDRAL ANGLES' 
_pdbx_nmr_refine.software_ordinal   1 
# 
loop_
_pdbx_nmr_software.classification 
_pdbx_nmr_software.name 
_pdbx_nmr_software.version 
_pdbx_nmr_software.authors 
_pdbx_nmr_software.ordinal 
refinement           X-PLOR       ?     BRUNGER 1 
'structure solution' 'VNMR FELIX' FELIX ?       2 
# 
loop_
_chem_comp_atom.comp_id 
_chem_comp_atom.atom_id 
_chem_comp_atom.type_symbol 
_chem_comp_atom.pdbx_aromatic_flag 
_chem_comp_atom.pdbx_stereo_config 
_chem_comp_atom.pdbx_ordinal 
DA OP3    O N N 1   
DA P      P N N 2   
DA OP1    O N N 3   
DA OP2    O N N 4   
DA "O5'"  O N N 5   
DA "C5'"  C N N 6   
DA "C4'"  C N R 7   
DA "O4'"  O N N 8   
DA "C3'"  C N S 9   
DA "O3'"  O N N 10  
DA "C2'"  C N N 11  
DA "C1'"  C N R 12  
DA N9     N Y N 13  
DA C8     C Y N 14  
DA N7     N Y N 15  
DA C5     C Y N 16  
DA C6     C Y N 17  
DA N6     N N N 18  
DA N1     N Y N 19  
DA C2     C Y N 20  
DA N3     N Y N 21  
DA C4     C Y N 22  
DA HOP3   H N N 23  
DA HOP2   H N N 24  
DA "H5'"  H N N 25  
DA "H5''" H N N 26  
DA "H4'"  H N N 27  
DA "H3'"  H N N 28  
DA "HO3'" H N N 29  
DA "H2'"  H N N 30  
DA "H2''" H N N 31  
DA "H1'"  H N N 32  
DA H8     H N N 33  
DA H61    H N N 34  
DA H62    H N N 35  
DA H2     H N N 36  
DC OP3    O N N 37  
DC P      P N N 38  
DC OP1    O N N 39  
DC OP2    O N N 40  
DC "O5'"  O N N 41  
DC "C5'"  C N N 42  
DC "C4'"  C N R 43  
DC "O4'"  O N N 44  
DC "C3'"  C N S 45  
DC "O3'"  O N N 46  
DC "C2'"  C N N 47  
DC "C1'"  C N R 48  
DC N1     N N N 49  
DC C2     C N N 50  
DC O2     O N N 51  
DC N3     N N N 52  
DC C4     C N N 53  
DC N4     N N N 54  
DC C5     C N N 55  
DC C6     C N N 56  
DC HOP3   H N N 57  
DC HOP2   H N N 58  
DC "H5'"  H N N 59  
DC "H5''" H N N 60  
DC "H4'"  H N N 61  
DC "H3'"  H N N 62  
DC "HO3'" H N N 63  
DC "H2'"  H N N 64  
DC "H2''" H N N 65  
DC "H1'"  H N N 66  
DC H41    H N N 67  
DC H42    H N N 68  
DC H5     H N N 69  
DC H6     H N N 70  
DG OP3    O N N 71  
DG P      P N N 72  
DG OP1    O N N 73  
DG OP2    O N N 74  
DG "O5'"  O N N 75  
DG "C5'"  C N N 76  
DG "C4'"  C N R 77  
DG "O4'"  O N N 78  
DG "C3'"  C N S 79  
DG "O3'"  O N N 80  
DG "C2'"  C N N 81  
DG "C1'"  C N R 82  
DG N9     N Y N 83  
DG C8     C Y N 84  
DG N7     N Y N 85  
DG C5     C Y N 86  
DG C6     C N N 87  
DG O6     O N N 88  
DG N1     N N N 89  
DG C2     C N N 90  
DG N2     N N N 91  
DG N3     N N N 92  
DG C4     C Y N 93  
DG HOP3   H N N 94  
DG HOP2   H N N 95  
DG "H5'"  H N N 96  
DG "H5''" H N N 97  
DG "H4'"  H N N 98  
DG "H3'"  H N N 99  
DG "HO3'" H N N 100 
DG "H2'"  H N N 101 
DG "H2''" H N N 102 
DG "H1'"  H N N 103 
DG H8     H N N 104 
DG H1     H N N 105 
DG H21    H N N 106 
DG H22    H N N 107 
DT OP3    O N N 108 
DT P      P N N 109 
DT OP1    O N N 110 
DT OP2    O N N 111 
DT "O5'"  O N N 112 
DT "C5'"  C N N 113 
DT "C4'"  C N R 114 
DT "O4'"  O N N 115 
DT "C3'"  C N S 116 
DT "O3'"  O N N 117 
DT "C2'"  C N N 118 
DT "C1'"  C N R 119 
DT N1     N N N 120 
DT C2     C N N 121 
DT O2     O N N 122 
DT N3     N N N 123 
DT C4     C N N 124 
DT O4     O N N 125 
DT C5     C N N 126 
DT C7     C N N 127 
DT C6     C N N 128 
DT HOP3   H N N 129 
DT HOP2   H N N 130 
DT "H5'"  H N N 131 
DT "H5''" H N N 132 
DT "H4'"  H N N 133 
DT "H3'"  H N N 134 
DT "HO3'" H N N 135 
DT "H2'"  H N N 136 
DT "H2''" H N N 137 
DT "H1'"  H N N 138 
DT H3     H N N 139 
DT H71    H N N 140 
DT H72    H N N 141 
DT H73    H N N 142 
DT H6     H N N 143 
# 
loop_
_chem_comp_bond.comp_id 
_chem_comp_bond.atom_id_1 
_chem_comp_bond.atom_id_2 
_chem_comp_bond.value_order 
_chem_comp_bond.pdbx_aromatic_flag 
_chem_comp_bond.pdbx_stereo_config 
_chem_comp_bond.pdbx_ordinal 
DA OP3   P      sing N N 1   
DA OP3   HOP3   sing N N 2   
DA P     OP1    doub N N 3   
DA P     OP2    sing N N 4   
DA P     "O5'"  sing N N 5   
DA OP2   HOP2   sing N N 6   
DA "O5'" "C5'"  sing N N 7   
DA "C5'" "C4'"  sing N N 8   
DA "C5'" "H5'"  sing N N 9   
DA "C5'" "H5''" sing N N 10  
DA "C4'" "O4'"  sing N N 11  
DA "C4'" "C3'"  sing N N 12  
DA "C4'" "H4'"  sing N N 13  
DA "O4'" "C1'"  sing N N 14  
DA "C3'" "O3'"  sing N N 15  
DA "C3'" "C2'"  sing N N 16  
DA "C3'" "H3'"  sing N N 17  
DA "O3'" "HO3'" sing N N 18  
DA "C2'" "C1'"  sing N N 19  
DA "C2'" "H2'"  sing N N 20  
DA "C2'" "H2''" sing N N 21  
DA "C1'" N9     sing N N 22  
DA "C1'" "H1'"  sing N N 23  
DA N9    C8     sing Y N 24  
DA N9    C4     sing Y N 25  
DA C8    N7     doub Y N 26  
DA C8    H8     sing N N 27  
DA N7    C5     sing Y N 28  
DA C5    C6     sing Y N 29  
DA C5    C4     doub Y N 30  
DA C6    N6     sing N N 31  
DA C6    N1     doub Y N 32  
DA N6    H61    sing N N 33  
DA N6    H62    sing N N 34  
DA N1    C2     sing Y N 35  
DA C2    N3     doub Y N 36  
DA C2    H2     sing N N 37  
DA N3    C4     sing Y N 38  
DC OP3   P      sing N N 39  
DC OP3   HOP3   sing N N 40  
DC P     OP1    doub N N 41  
DC P     OP2    sing N N 42  
DC P     "O5'"  sing N N 43  
DC OP2   HOP2   sing N N 44  
DC "O5'" "C5'"  sing N N 45  
DC "C5'" "C4'"  sing N N 46  
DC "C5'" "H5'"  sing N N 47  
DC "C5'" "H5''" sing N N 48  
DC "C4'" "O4'"  sing N N 49  
DC "C4'" "C3'"  sing N N 50  
DC "C4'" "H4'"  sing N N 51  
DC "O4'" "C1'"  sing N N 52  
DC "C3'" "O3'"  sing N N 53  
DC "C3'" "C2'"  sing N N 54  
DC "C3'" "H3'"  sing N N 55  
DC "O3'" "HO3'" sing N N 56  
DC "C2'" "C1'"  sing N N 57  
DC "C2'" "H2'"  sing N N 58  
DC "C2'" "H2''" sing N N 59  
DC "C1'" N1     sing N N 60  
DC "C1'" "H1'"  sing N N 61  
DC N1    C2     sing N N 62  
DC N1    C6     sing N N 63  
DC C2    O2     doub N N 64  
DC C2    N3     sing N N 65  
DC N3    C4     doub N N 66  
DC C4    N4     sing N N 67  
DC C4    C5     sing N N 68  
DC N4    H41    sing N N 69  
DC N4    H42    sing N N 70  
DC C5    C6     doub N N 71  
DC C5    H5     sing N N 72  
DC C6    H6     sing N N 73  
DG OP3   P      sing N N 74  
DG OP3   HOP3   sing N N 75  
DG P     OP1    doub N N 76  
DG P     OP2    sing N N 77  
DG P     "O5'"  sing N N 78  
DG OP2   HOP2   sing N N 79  
DG "O5'" "C5'"  sing N N 80  
DG "C5'" "C4'"  sing N N 81  
DG "C5'" "H5'"  sing N N 82  
DG "C5'" "H5''" sing N N 83  
DG "C4'" "O4'"  sing N N 84  
DG "C4'" "C3'"  sing N N 85  
DG "C4'" "H4'"  sing N N 86  
DG "O4'" "C1'"  sing N N 87  
DG "C3'" "O3'"  sing N N 88  
DG "C3'" "C2'"  sing N N 89  
DG "C3'" "H3'"  sing N N 90  
DG "O3'" "HO3'" sing N N 91  
DG "C2'" "C1'"  sing N N 92  
DG "C2'" "H2'"  sing N N 93  
DG "C2'" "H2''" sing N N 94  
DG "C1'" N9     sing N N 95  
DG "C1'" "H1'"  sing N N 96  
DG N9    C8     sing Y N 97  
DG N9    C4     sing Y N 98  
DG C8    N7     doub Y N 99  
DG C8    H8     sing N N 100 
DG N7    C5     sing Y N 101 
DG C5    C6     sing N N 102 
DG C5    C4     doub Y N 103 
DG C6    O6     doub N N 104 
DG C6    N1     sing N N 105 
DG N1    C2     sing N N 106 
DG N1    H1     sing N N 107 
DG C2    N2     sing N N 108 
DG C2    N3     doub N N 109 
DG N2    H21    sing N N 110 
DG N2    H22    sing N N 111 
DG N3    C4     sing N N 112 
DT OP3   P      sing N N 113 
DT OP3   HOP3   sing N N 114 
DT P     OP1    doub N N 115 
DT P     OP2    sing N N 116 
DT P     "O5'"  sing N N 117 
DT OP2   HOP2   sing N N 118 
DT "O5'" "C5'"  sing N N 119 
DT "C5'" "C4'"  sing N N 120 
DT "C5'" "H5'"  sing N N 121 
DT "C5'" "H5''" sing N N 122 
DT "C4'" "O4'"  sing N N 123 
DT "C4'" "C3'"  sing N N 124 
DT "C4'" "H4'"  sing N N 125 
DT "O4'" "C1'"  sing N N 126 
DT "C3'" "O3'"  sing N N 127 
DT "C3'" "C2'"  sing N N 128 
DT "C3'" "H3'"  sing N N 129 
DT "O3'" "HO3'" sing N N 130 
DT "C2'" "C1'"  sing N N 131 
DT "C2'" "H2'"  sing N N 132 
DT "C2'" "H2''" sing N N 133 
DT "C1'" N1     sing N N 134 
DT "C1'" "H1'"  sing N N 135 
DT N1    C2     sing N N 136 
DT N1    C6     sing N N 137 
DT C2    O2     doub N N 138 
DT C2    N3     sing N N 139 
DT N3    C4     sing N N 140 
DT N3    H3     sing N N 141 
DT C4    O4     doub N N 142 
DT C4    C5     sing N N 143 
DT C5    C7     sing N N 144 
DT C5    C6     doub N N 145 
DT C7    H71    sing N N 146 
DT C7    H72    sing N N 147 
DT C7    H73    sing N N 148 
DT C6    H6     sing N N 149 
# 
loop_
_ndb_struct_conf_na.entry_id 
_ndb_struct_conf_na.feature 
1BJD 'double helix'         
1BJD 'b-form double helix'  
1BJD 'mismatched base pair' 
# 
loop_
_ndb_struct_na_base_pair.model_number 
_ndb_struct_na_base_pair.i_label_asym_id 
_ndb_struct_na_base_pair.i_label_comp_id 
_ndb_struct_na_base_pair.i_label_seq_id 
_ndb_struct_na_base_pair.i_symmetry 
_ndb_struct_na_base_pair.j_label_asym_id 
_ndb_struct_na_base_pair.j_label_comp_id 
_ndb_struct_na_base_pair.j_label_seq_id 
_ndb_struct_na_base_pair.j_symmetry 
_ndb_struct_na_base_pair.shear 
_ndb_struct_na_base_pair.stretch 
_ndb_struct_na_base_pair.stagger 
_ndb_struct_na_base_pair.buckle 
_ndb_struct_na_base_pair.propeller 
_ndb_struct_na_base_pair.opening 
_ndb_struct_na_base_pair.pair_number 
_ndb_struct_na_base_pair.pair_name 
_ndb_struct_na_base_pair.i_auth_asym_id 
_ndb_struct_na_base_pair.i_auth_seq_id 
_ndb_struct_na_base_pair.i_PDB_ins_code 
_ndb_struct_na_base_pair.j_auth_asym_id 
_ndb_struct_na_base_pair.j_auth_seq_id 
_ndb_struct_na_base_pair.j_PDB_ins_code 
_ndb_struct_na_base_pair.hbond_type_28 
_ndb_struct_na_base_pair.hbond_type_12 
1 A DC 1  1_555 B DG 12 1_555 0.686  -0.428 0.262  -14.764 6.265   -1.532 1  A_DC1:DG12_B A 1  ? B 12 ? 19 1 
1 A DG 2  1_555 B DC 11 1_555 -0.789 -0.447 0.071  -1.817  -9.346  0.111  2  A_DG2:DC11_B A 2  ? B 11 ? 19 1 
1 A DT 3  1_555 B DA 10 1_555 0.046  -0.293 0.017  4.693   -13.130 0.971  3  A_DT3:DA10_B A 3  ? B 10 ? 20 1 
1 A DG 4  1_555 B DT 9  1_555 -2.590 -0.786 -0.135 -1.688  -12.550 -0.584 4  A_DG4:DT9_B  A 4  ? B 9  ? 28 ? 
1 A DA 5  1_555 B DT 8  1_555 0.024  -0.305 0.093  1.127   -17.147 -4.486 5  A_DA5:DT8_B  A 5  ? B 8  ? 20 1 
1 A DC 6  1_555 B DG 7  1_555 0.753  -0.469 -0.013 5.070   -15.968 -0.739 6  A_DC6:DG7_B  A 6  ? B 7  ? 19 1 
1 A DG 7  1_555 B DC 6  1_555 -0.753 -0.469 -0.012 -5.069  -15.963 -0.751 7  A_DG7:DC6_B  A 7  ? B 6  ? 19 1 
1 A DT 8  1_555 B DA 5  1_555 -0.024 -0.304 0.094  -1.122  -17.138 -4.483 8  A_DT8:DA5_B  A 8  ? B 5  ? 20 1 
1 A DT 9  1_555 B DG 4  1_555 2.591  -0.786 -0.136 1.673   -12.556 -0.587 9  A_DT9:DG4_B  A 9  ? B 4  ? 28 ? 
1 A DA 10 1_555 B DT 3  1_555 -0.046 -0.293 0.017  -4.685  -13.153 0.965  10 A_DA10:DT3_B A 10 ? B 3  ? 20 1 
1 A DC 11 1_555 B DG 2  1_555 0.789  -0.447 0.070  1.813   -9.319  0.107  11 A_DC11:DG2_B A 11 ? B 2  ? 19 1 
1 A DG 12 1_555 B DC 1  1_555 -0.686 -0.428 0.262  14.761  6.244   -1.536 12 A_DG12:DC1_B A 12 ? B 1  ? 19 1 
# 
loop_
_ndb_struct_na_base_pair_step.model_number 
_ndb_struct_na_base_pair_step.i_label_asym_id_1 
_ndb_struct_na_base_pair_step.i_label_comp_id_1 
_ndb_struct_na_base_pair_step.i_label_seq_id_1 
_ndb_struct_na_base_pair_step.i_symmetry_1 
_ndb_struct_na_base_pair_step.j_label_asym_id_1 
_ndb_struct_na_base_pair_step.j_label_comp_id_1 
_ndb_struct_na_base_pair_step.j_label_seq_id_1 
_ndb_struct_na_base_pair_step.j_symmetry_1 
_ndb_struct_na_base_pair_step.i_label_asym_id_2 
_ndb_struct_na_base_pair_step.i_label_comp_id_2 
_ndb_struct_na_base_pair_step.i_label_seq_id_2 
_ndb_struct_na_base_pair_step.i_symmetry_2 
_ndb_struct_na_base_pair_step.j_label_asym_id_2 
_ndb_struct_na_base_pair_step.j_label_comp_id_2 
_ndb_struct_na_base_pair_step.j_label_seq_id_2 
_ndb_struct_na_base_pair_step.j_symmetry_2 
_ndb_struct_na_base_pair_step.shift 
_ndb_struct_na_base_pair_step.slide 
_ndb_struct_na_base_pair_step.rise 
_ndb_struct_na_base_pair_step.tilt 
_ndb_struct_na_base_pair_step.roll 
_ndb_struct_na_base_pair_step.twist 
_ndb_struct_na_base_pair_step.x_displacement 
_ndb_struct_na_base_pair_step.y_displacement 
_ndb_struct_na_base_pair_step.helical_rise 
_ndb_struct_na_base_pair_step.inclination 
_ndb_struct_na_base_pair_step.tip 
_ndb_struct_na_base_pair_step.helical_twist 
_ndb_struct_na_base_pair_step.step_number 
_ndb_struct_na_base_pair_step.step_name 
_ndb_struct_na_base_pair_step.i_auth_asym_id_1 
_ndb_struct_na_base_pair_step.i_auth_seq_id_1 
_ndb_struct_na_base_pair_step.i_PDB_ins_code_1 
_ndb_struct_na_base_pair_step.j_auth_asym_id_1 
_ndb_struct_na_base_pair_step.j_auth_seq_id_1 
_ndb_struct_na_base_pair_step.j_PDB_ins_code_1 
_ndb_struct_na_base_pair_step.i_auth_asym_id_2 
_ndb_struct_na_base_pair_step.i_auth_seq_id_2 
_ndb_struct_na_base_pair_step.i_PDB_ins_code_2 
_ndb_struct_na_base_pair_step.j_auth_asym_id_2 
_ndb_struct_na_base_pair_step.j_auth_seq_id_2 
_ndb_struct_na_base_pair_step.j_PDB_ins_code_2 
1 A DC 1  1_555 B DG 12 1_555 A DG 2  1_555 B DC 11 1_555 -0.050 0.380 3.017 5.050  -4.463 38.031 1.079  0.645  2.925 -6.784 
-7.676 38.602 1  AA_DC1DG2:DC11DG12_BB A 1  ? B 12 ? A 2  ? B 11 ? 
1 A DG 2  1_555 B DC 11 1_555 A DT 3  1_555 B DA 10 1_555 0.165  0.490 2.966 1.452  -1.034 38.847 0.849  -0.089 2.956 -1.553 
-2.182 38.886 2  AA_DG2DT3:DA10DC11_BB A 2  ? B 11 ? A 3  ? B 10 ? 
1 A DT 3  1_555 B DA 10 1_555 A DG 4  1_555 B DT 9  1_555 0.113  0.215 2.963 -1.314 11.181 32.335 -1.257 -0.383 2.871 19.359 2.275 
34.190 3  AA_DT3DG4:DT9DA10_BB  A 3  ? B 10 ? A 4  ? B 9  ? 
1 A DG 4  1_555 B DT 9  1_555 A DA 5  1_555 B DT 8  1_555 -0.611 0.891 3.082 -4.598 -0.033 52.558 1.004  0.404  3.121 -0.037 5.182 
52.744 4  AA_DG4DA5:DT8DT9_BB   A 4  ? B 9  ? A 5  ? B 8  ? 
1 A DA 5  1_555 B DT 8  1_555 A DC 6  1_555 B DG 7  1_555 0.088  0.557 3.037 0.225  -4.724 42.651 1.193  -0.100 2.962 -6.470 
-0.308 42.900 5  AA_DA5DC6:DG7DT8_BB   A 5  ? B 8  ? A 6  ? B 7  ? 
1 A DC 6  1_555 B DG 7  1_555 A DG 7  1_555 B DC 6  1_555 0.000  0.224 3.257 -0.007 9.935  34.947 -1.040 -0.001 3.200 16.144 0.011 
36.289 6  AA_DC6DG7:DC6DG7_BB   A 6  ? B 7  ? A 7  ? B 6  ? 
1 A DG 7  1_555 B DC 6  1_555 A DT 8  1_555 B DA 5  1_555 -0.088 0.556 3.037 -0.219 -4.713 42.644 1.192  0.100  2.962 -6.457 0.300 
42.892 7  AA_DG7DT8:DA5DC6_BB   A 7  ? B 6  ? A 8  ? B 5  ? 
1 A DT 8  1_555 B DA 5  1_555 A DT 9  1_555 B DG 4  1_555 0.611  0.891 3.082 4.599  -0.053 52.568 1.006  -0.405 3.121 -0.059 
-5.182 52.755 8  AA_DT8DT9:DG4DA5_BB   A 8  ? B 5  ? A 9  ? B 4  ? 
1 A DT 9  1_555 B DG 4  1_555 A DA 10 1_555 B DT 3  1_555 -0.113 0.214 2.962 1.316  11.199 32.334 -1.259 0.384  2.870 19.388 
-2.278 34.194 9  AA_DT9DA10:DT3DG4_BB  A 9  ? B 4  ? A 10 ? B 3  ? 
1 A DA 10 1_555 B DT 3  1_555 A DC 11 1_555 B DG 2  1_555 -0.165 0.490 2.966 -1.448 -1.054 38.844 0.852  0.089  2.957 -1.584 2.176 
38.884 10 AA_DA10DC11:DG2DT3_BB A 10 ? B 3  ? A 11 ? B 2  ? 
1 A DC 11 1_555 B DG 2  1_555 A DG 12 1_555 B DC 1  1_555 0.050  0.380 3.016 -5.050 -4.449 38.034 1.076  -0.646 2.925 -6.762 7.675 
38.603 11 AA_DC11DG12:DC1DG2_BB A 11 ? B 2  ? A 12 ? B 1  ? 
# 
_pdbx_nmr_spectrometer.spectrometer_id   1 
_pdbx_nmr_spectrometer.model             UNITY 
_pdbx_nmr_spectrometer.manufacturer      Varian 
_pdbx_nmr_spectrometer.field_strength    500 
# 
_atom_sites.entry_id                    1BJD 
_atom_sites.fract_transf_matrix[1][1]   1.000000 
_atom_sites.fract_transf_matrix[1][2]   0.000000 
_atom_sites.fract_transf_matrix[1][3]   0.000000 
_atom_sites.fract_transf_matrix[2][1]   0.000000 
_atom_sites.fract_transf_matrix[2][2]   1.000000 
_atom_sites.fract_transf_matrix[2][3]   0.000000 
_atom_sites.fract_transf_matrix[3][1]   0.000000 
_atom_sites.fract_transf_matrix[3][2]   0.000000 
_atom_sites.fract_transf_matrix[3][3]   1.000000 
_atom_sites.fract_transf_vector[1]      0.00000 
_atom_sites.fract_transf_vector[2]      0.00000 
_atom_sites.fract_transf_vector[3]      0.00000 
# 
loop_
_atom_type.symbol 
C 
H 
N 
O 
P 
# 
loop_
_atom_site.group_PDB 
_atom_site.id 
_atom_site.type_symbol 
_atom_site.label_atom_id 
_atom_site.label_alt_id 
_atom_site.label_comp_id 
_atom_site.label_asym_id 
_atom_site.label_entity_id 
_atom_site.label_seq_id 
_atom_site.pdbx_PDB_ins_code 
_atom_site.Cartn_x 
_atom_site.Cartn_y 
_atom_site.Cartn_z 
_atom_site.occupancy 
_atom_site.B_iso_or_equiv 
_atom_site.pdbx_formal_charge 
_atom_site.auth_seq_id 
_atom_site.auth_comp_id 
_atom_site.auth_asym_id 
_atom_site.auth_atom_id 
_atom_site.pdbx_PDB_model_num 
ATOM 1   O "O5'"  . DC A 1 1  ? -6.135  -16.429 6.377   1.00 0.00 ? 1  DC A "O5'"  1 
ATOM 2   C "C5'"  . DC A 1 1  ? -5.990  -16.998 7.682   1.00 0.00 ? 1  DC A "C5'"  1 
ATOM 3   C "C4'"  . DC A 1 1  ? -4.537  -16.975 8.153   1.00 0.00 ? 1  DC A "C4'"  1 
ATOM 4   O "O4'"  . DC A 1 1  ? -3.724  -17.757 7.219   1.00 0.00 ? 1  DC A "O4'"  1 
ATOM 5   C "C3'"  . DC A 1 1  ? -3.885  -15.601 8.146   1.00 0.00 ? 1  DC A "C3'"  1 
ATOM 6   O "O3'"  . DC A 1 1  ? -3.137  -15.528 9.365   1.00 0.00 ? 1  DC A "O3'"  1 
ATOM 7   C "C2'"  . DC A 1 1  ? -2.958  -15.504 6.982   1.00 0.00 ? 1  DC A "C2'"  1 
ATOM 8   C "C1'"  . DC A 1 1  ? -2.776  -16.921 6.497   1.00 0.00 ? 1  DC A "C1'"  1 
ATOM 9   N N1     . DC A 1 1  ? -3.037  -17.028 5.045   1.00 0.00 ? 1  DC A N1     1 
ATOM 10  C C2     . DC A 1 1  ? -1.970  -16.826 4.181   1.00 0.00 ? 1  DC A C2     1 
ATOM 11  O O2     . DC A 1 1  ? -0.851  -16.573 4.620   1.00 0.00 ? 1  DC A O2     1 
ATOM 12  N N3     . DC A 1 1  ? -2.187  -16.917 2.842   1.00 0.00 ? 1  DC A N3     1 
ATOM 13  C C4     . DC A 1 1  ? -3.405  -17.195 2.365   1.00 0.00 ? 1  DC A C4     1 
ATOM 14  N N4     . DC A 1 1  ? -3.549  -17.270 1.046   1.00 0.00 ? 1  DC A N4     1 
ATOM 15  C C5     . DC A 1 1  ? -4.510  -17.405 3.246   1.00 0.00 ? 1  DC A C5     1 
ATOM 16  C C6     . DC A 1 1  ? -4.285  -17.313 4.569   1.00 0.00 ? 1  DC A C6     1 
ATOM 17  H "H5'"  . DC A 1 1  ? -6.340  -18.030 7.661   1.00 0.00 ? 1  DC A "H5'"  1 
ATOM 18  H "H5''" . DC A 1 1  ? -6.599  -16.430 8.385   1.00 0.00 ? 1  DC A "H5''" 1 
ATOM 19  H "H4'"  . DC A 1 1  ? -4.476  -17.426 9.143   1.00 0.00 ? 1  DC A "H4'"  1 
ATOM 20  H "H3'"  . DC A 1 1  ? -4.625  -14.800 8.111   1.00 0.00 ? 1  DC A "H3'"  1 
ATOM 21  H "H2'"  . DC A 1 1  ? -3.408  -14.896 6.198   1.00 0.00 ? 1  DC A "H2'"  1 
ATOM 22  H "H2''" . DC A 1 1  ? -2.002  -15.077 7.285   1.00 0.00 ? 1  DC A "H2''" 1 
ATOM 23  H "H1'"  . DC A 1 1  ? -1.760  -17.252 6.712   1.00 0.00 ? 1  DC A "H1'"  1 
ATOM 24  H H41    . DC A 1 1  ? -2.747  -17.138 0.443   1.00 0.00 ? 1  DC A H41    1 
ATOM 25  H H42    . DC A 1 1  ? -4.457  -17.460 0.647   1.00 0.00 ? 1  DC A H42    1 
ATOM 26  H H5     . DC A 1 1  ? -5.506  -17.632 2.868   1.00 0.00 ? 1  DC A H5     1 
ATOM 27  H H6     . DC A 1 1  ? -5.106  -17.468 5.268   1.00 0.00 ? 1  DC A H6     1 
ATOM 28  H "HO5'" . DC A 1 1  ? -5.739  -15.553 6.402   1.00 0.00 ? 1  DC A "HO5'" 1 
ATOM 29  P P      . DG A 1 2  ? -2.455  -14.143 9.835   1.00 0.00 ? 2  DG A P      1 
ATOM 30  O OP1    . DG A 1 2  ? -2.154  -14.242 11.281  1.00 0.00 ? 2  DG A OP1    1 
ATOM 31  O OP2    . DG A 1 2  ? -3.286  -13.025 9.332   1.00 0.00 ? 2  DG A OP2    1 
ATOM 32  O "O5'"  . DG A 1 2  ? -1.061  -14.139 9.025   1.00 0.00 ? 2  DG A "O5'"  1 
ATOM 33  C "C5'"  . DG A 1 2  ? 0.070   -14.880 9.504   1.00 0.00 ? 2  DG A "C5'"  1 
ATOM 34  C "C4'"  . DG A 1 2  ? 1.377   -14.380 8.894   1.00 0.00 ? 2  DG A "C4'"  1 
ATOM 35  O "O4'"  . DG A 1 2  ? 1.347   -14.607 7.445   1.00 0.00 ? 2  DG A "O4'"  1 
ATOM 36  C "C3'"  . DG A 1 2  ? 1.611   -12.883 9.025   1.00 0.00 ? 2  DG A "C3'"  1 
ATOM 37  O "O3'"  . DG A 1 2  ? 3.002   -12.741 9.353   1.00 0.00 ? 2  DG A "O3'"  1 
ATOM 38  C "C2'"  . DG A 1 2  ? 1.323   -12.238 7.711   1.00 0.00 ? 2  DG A "C2'"  1 
ATOM 39  C "C1'"  . DG A 1 2  ? 1.406   -13.355 6.704   1.00 0.00 ? 2  DG A "C1'"  1 
ATOM 40  N N9     . DG A 1 2  ? 0.284   -13.309 5.747   1.00 0.00 ? 2  DG A N9     1 
ATOM 41  C C8     . DG A 1 2  ? -1.053  -13.137 5.999   1.00 0.00 ? 2  DG A C8     1 
ATOM 42  N N7     . DG A 1 2  ? -1.799  -13.183 4.930   1.00 0.00 ? 2  DG A N7     1 
ATOM 43  C C5     . DG A 1 2  ? -0.890  -13.397 3.898   1.00 0.00 ? 2  DG A C5     1 
ATOM 44  C C6     . DG A 1 2  ? -1.110  -13.534 2.500   1.00 0.00 ? 2  DG A C6     1 
ATOM 45  O O6     . DG A 1 2  ? -2.172  -13.510 1.884   1.00 0.00 ? 2  DG A O6     1 
ATOM 46  N N1     . DG A 1 2  ? 0.075   -13.732 1.817   1.00 0.00 ? 2  DG A N1     1 
ATOM 47  C C2     . DG A 1 2  ? 1.317   -13.794 2.395   1.00 0.00 ? 2  DG A C2     1 
ATOM 48  N N2     . DG A 1 2  ? 2.349   -13.982 1.586   1.00 0.00 ? 2  DG A N2     1 
ATOM 49  N N3     . DG A 1 2  ? 1.539   -13.670 3.700   1.00 0.00 ? 2  DG A N3     1 
ATOM 50  C C4     . DG A 1 2  ? 0.390   -13.473 4.389   1.00 0.00 ? 2  DG A C4     1 
ATOM 51  H "H5'"  . DG A 1 2  ? -0.061  -15.932 9.252   1.00 0.00 ? 2  DG A "H5'"  1 
ATOM 52  H "H5''" . DG A 1 2  ? 0.124   -14.779 10.589  1.00 0.00 ? 2  DG A "H5''" 1 
ATOM 53  H "H4'"  . DG A 1 2  ? 2.207   -14.941 9.328   1.00 0.00 ? 2  DG A "H4'"  1 
ATOM 54  H "H3'"  . DG A 1 2  ? 0.994   -12.442 9.809   1.00 0.00 ? 2  DG A "H3'"  1 
ATOM 55  H "H2'"  . DG A 1 2  ? 0.318   -11.819 7.719   1.00 0.00 ? 2  DG A "H2'"  1 
ATOM 56  H "H2''" . DG A 1 2  ? 2.051   -11.461 7.487   1.00 0.00 ? 2  DG A "H2''" 1 
ATOM 57  H "H1'"  . DG A 1 2  ? 2.352   -13.291 6.162   1.00 0.00 ? 2  DG A "H1'"  1 
ATOM 58  H H8     . DG A 1 2  ? -1.453  -12.962 6.998   1.00 0.00 ? 2  DG A H8     1 
ATOM 59  H H1     . DG A 1 2  ? 0.014   -13.838 0.817   1.00 0.00 ? 2  DG A H1     1 
ATOM 60  H H21    . DG A 1 2  ? 2.203   -14.079 0.591   1.00 0.00 ? 2  DG A H21    1 
ATOM 61  H H22    . DG A 1 2  ? 3.284   -14.024 1.965   1.00 0.00 ? 2  DG A H22    1 
ATOM 62  P P      . DT A 1 3  ? 3.705   -11.288 9.409   1.00 0.00 ? 3  DT A P      1 
ATOM 63  O OP1    . DT A 1 3  ? 4.918   -11.392 10.251  1.00 0.00 ? 3  DT A OP1    1 
ATOM 64  O OP2    . DT A 1 3  ? 2.669   -10.281 9.728   1.00 0.00 ? 3  DT A OP2    1 
ATOM 65  O "O5'"  . DT A 1 3  ? 4.168   -11.067 7.878   1.00 0.00 ? 3  DT A "O5'"  1 
ATOM 66  C "C5'"  . DT A 1 3  ? 5.226   -11.855 7.320   1.00 0.00 ? 3  DT A "C5'"  1 
ATOM 67  C "C4'"  . DT A 1 3  ? 5.553   -11.454 5.884   1.00 0.00 ? 3  DT A "C4'"  1 
ATOM 68  O "O4'"  . DT A 1 3  ? 4.367   -11.682 5.050   1.00 0.00 ? 3  DT A "O4'"  1 
ATOM 69  C "C3'"  . DT A 1 3  ? 5.863   -9.973  5.679   1.00 0.00 ? 3  DT A "C3'"  1 
ATOM 70  O "O3'"  . DT A 1 3  ? 7.026   -9.945  4.839   1.00 0.00 ? 3  DT A "O3'"  1 
ATOM 71  C "C2'"  . DT A 1 3  ? 4.719   -9.341  4.963   1.00 0.00 ? 3  DT A "C2'"  1 
ATOM 72  C "C1'"  . DT A 1 3  ? 4.027   -10.497 4.287   1.00 0.00 ? 3  DT A "C1'"  1 
ATOM 73  N N1     . DT A 1 3  ? 2.555   -10.334 4.253   1.00 0.00 ? 3  DT A N1     1 
ATOM 74  C C2     . DT A 1 3  ? 1.919   -10.586 3.050   1.00 0.00 ? 3  DT A C2     1 
ATOM 75  O O2     . DT A 1 3  ? 2.524   -10.923 2.037   1.00 0.00 ? 3  DT A O2     1 
ATOM 76  N N3     . DT A 1 3  ? 0.552   -10.437 3.044   1.00 0.00 ? 3  DT A N3     1 
ATOM 77  C C4     . DT A 1 3  ? -0.233  -10.061 4.109   1.00 0.00 ? 3  DT A C4     1 
ATOM 78  O O4     . DT A 1 3  ? -1.449  -9.963  3.969   1.00 0.00 ? 3  DT A O4     1 
ATOM 79  C C5     . DT A 1 3  ? 0.502   -9.814  5.326   1.00 0.00 ? 3  DT A C5     1 
ATOM 80  C C7     . DT A 1 3  ? -0.249  -9.372  6.581   1.00 0.00 ? 3  DT A C7     1 
ATOM 81  C C6     . DT A 1 3  ? 1.846   -9.954  5.365   1.00 0.00 ? 3  DT A C6     1 
ATOM 82  H "H5'"  . DT A 1 3  ? 4.933   -12.906 7.335   1.00 0.00 ? 3  DT A "H5'"  1 
ATOM 83  H "H5''" . DT A 1 3  ? 6.120   -11.730 7.933   1.00 0.00 ? 3  DT A "H5''" 1 
ATOM 84  H "H4'"  . DT A 1 3  ? 6.373   -12.072 5.518   1.00 0.00 ? 3  DT A "H4'"  1 
ATOM 85  H "H3'"  . DT A 1 3  ? 6.060   -9.459  6.622   1.00 0.00 ? 3  DT A "H3'"  1 
ATOM 86  H "H2'"  . DT A 1 3  ? 4.048   -8.868  5.679   1.00 0.00 ? 3  DT A "H2'"  1 
ATOM 87  H "H2''" . DT A 1 3  ? 5.065   -8.613  4.234   1.00 0.00 ? 3  DT A "H2''" 1 
ATOM 88  H "H1'"  . DT A 1 3  ? 4.406   -10.600 3.269   1.00 0.00 ? 3  DT A "H1'"  1 
ATOM 89  H H3     . DT A 1 3  ? 0.081   -10.617 2.174   1.00 0.00 ? 3  DT A H3     1 
ATOM 90  H H71    . DT A 1 3  ? -1.316  -9.553  6.448   1.00 0.00 ? 3  DT A H71    1 
ATOM 91  H H72    . DT A 1 3  ? -0.079  -8.310  6.750   1.00 0.00 ? 3  DT A H72    1 
ATOM 92  H H73    . DT A 1 3  ? 0.111   -9.937  7.440   1.00 0.00 ? 3  DT A H73    1 
ATOM 93  H H6     . DT A 1 3  ? 2.375   -9.765  6.299   1.00 0.00 ? 3  DT A H6     1 
ATOM 94  P P      . DG A 1 4  ? 7.707   -8.550  4.395   1.00 0.00 ? 4  DG A P      1 
ATOM 95  O OP1    . DG A 1 4  ? 9.177   -8.731  4.398   1.00 0.00 ? 4  DG A OP1    1 
ATOM 96  O OP2    . DG A 1 4  ? 7.099   -7.459  5.191   1.00 0.00 ? 4  DG A OP2    1 
ATOM 97  O "O5'"  . DG A 1 4  ? 7.219   -8.388  2.865   1.00 0.00 ? 4  DG A "O5'"  1 
ATOM 98  C "C5'"  . DG A 1 4  ? 7.859   -9.121  1.810   1.00 0.00 ? 4  DG A "C5'"  1 
ATOM 99  C "C4'"  . DG A 1 4  ? 7.386   -8.671  0.429   1.00 0.00 ? 4  DG A "C4'"  1 
ATOM 100 O "O4'"  . DG A 1 4  ? 5.950   -8.944  0.301   1.00 0.00 ? 4  DG A "O4'"  1 
ATOM 101 C "C3'"  . DG A 1 4  ? 7.494   -7.172  0.170   1.00 0.00 ? 4  DG A "C3'"  1 
ATOM 102 O "O3'"  . DG A 1 4  ? 7.991   -7.060  -1.176  1.00 0.00 ? 4  DG A "O3'"  1 
ATOM 103 C "C2'"  . DG A 1 4  ? 6.129   -6.586  0.259   1.00 0.00 ? 4  DG A "C2'"  1 
ATOM 104 C "C1'"  . DG A 1 4  ? 5.219   -7.739  -0.057  1.00 0.00 ? 4  DG A "C1'"  1 
ATOM 105 N N9     . DG A 1 4  ? 3.959   -7.679  0.706   1.00 0.00 ? 4  DG A N9     1 
ATOM 106 C C8     . DG A 1 4  ? 3.776   -7.551  2.058   1.00 0.00 ? 4  DG A C8     1 
ATOM 107 N N7     . DG A 1 4  ? 2.522   -7.537  2.419   1.00 0.00 ? 4  DG A N7     1 
ATOM 108 C C5     . DG A 1 4  ? 1.828   -7.665  1.220   1.00 0.00 ? 4  DG A C5     1 
ATOM 109 C C6     . DG A 1 4  ? 0.429   -7.712  0.970   1.00 0.00 ? 4  DG A C6     1 
ATOM 110 O O6     . DG A 1 4  ? -0.497  -7.653  1.777   1.00 0.00 ? 4  DG A O6     1 
ATOM 111 N N1     . DG A 1 4  ? 0.157   -7.846  -0.378  1.00 0.00 ? 4  DG A N1     1 
ATOM 112 C C2     . DG A 1 4  ? 1.101   -7.927  -1.368  1.00 0.00 ? 4  DG A C2     1 
ATOM 113 N N2     . DG A 1 4  ? 0.661   -8.054  -2.611  1.00 0.00 ? 4  DG A N2     1 
ATOM 114 N N3     . DG A 1 4  ? 2.411   -7.885  -1.152  1.00 0.00 ? 4  DG A N3     1 
ATOM 115 C C4     . DG A 1 4  ? 2.701   -7.753  0.164   1.00 0.00 ? 4  DG A C4     1 
ATOM 116 H "H5'"  . DG A 1 4  ? 7.640   -10.183 1.931   1.00 0.00 ? 4  DG A "H5'"  1 
ATOM 117 H "H5''" . DG A 1 4  ? 8.938   -8.973  1.880   1.00 0.00 ? 4  DG A "H5''" 1 
ATOM 118 H "H4'"  . DG A 1 4  ? 7.926   -9.233  -0.334  1.00 0.00 ? 4  DG A "H4'"  1 
ATOM 119 H "H3'"  . DG A 1 4  ? 8.172   -6.681  0.869   1.00 0.00 ? 4  DG A "H3'"  1 
ATOM 120 H "H2'"  . DG A 1 4  ? 5.944   -6.229  1.272   1.00 0.00 ? 4  DG A "H2'"  1 
ATOM 121 H "H2''" . DG A 1 4  ? 5.999   -5.777  -0.453  1.00 0.00 ? 4  DG A "H2''" 1 
ATOM 122 H "H1'"  . DG A 1 4  ? 5.001   -7.747  -1.125  1.00 0.00 ? 4  DG A "H1'"  1 
ATOM 123 H H8     . DG A 1 4  ? 4.601   -7.459  2.763   1.00 0.00 ? 4  DG A H8     1 
ATOM 124 H H1     . DG A 1 4  ? -0.814  -7.884  -0.648  1.00 0.00 ? 4  DG A H1     1 
ATOM 125 H H21    . DG A 1 4  ? -0.329  -8.104  -2.795  1.00 0.00 ? 4  DG A H21    1 
ATOM 126 H H22    . DG A 1 4  ? 1.321   -8.099  -3.373  1.00 0.00 ? 4  DG A H22    1 
ATOM 127 P P      . DA A 1 5  ? 8.052   -5.639  -1.943  1.00 0.00 ? 5  DA A P      1 
ATOM 128 O OP1    . DA A 1 5  ? 9.196   -5.671  -2.884  1.00 0.00 ? 5  DA A OP1    1 
ATOM 129 O OP2    . DA A 1 5  ? 7.962   -4.557  -0.934  1.00 0.00 ? 5  DA A OP2    1 
ATOM 130 O "O5'"  . DA A 1 5  ? 6.687   -5.635  -2.807  1.00 0.00 ? 5  DA A "O5'"  1 
ATOM 131 C "C5'"  . DA A 1 5  ? 6.552   -6.467  -3.970  1.00 0.00 ? 5  DA A "C5'"  1 
ATOM 132 C "C4'"  . DA A 1 5  ? 5.330   -6.089  -4.810  1.00 0.00 ? 5  DA A "C4'"  1 
ATOM 133 O "O4'"  . DA A 1 5  ? 4.125   -6.251  -3.998  1.00 0.00 ? 5  DA A "O4'"  1 
ATOM 134 C "C3'"  . DA A 1 5  ? 5.279   -4.633  -5.250  1.00 0.00 ? 5  DA A "C3'"  1 
ATOM 135 O "O3'"  . DA A 1 5  ? 4.827   -4.659  -6.615  1.00 0.00 ? 5  DA A "O3'"  1 
ATOM 136 C "C2'"  . DA A 1 5  ? 4.300   -3.909  -4.401  1.00 0.00 ? 5  DA A "C2'"  1 
ATOM 137 C "C1'"  . DA A 1 5  ? 3.434   -4.986  -3.812  1.00 0.00 ? 5  DA A "C1'"  1 
ATOM 138 N N9     . DA A 1 5  ? 3.208   -4.773  -2.371  1.00 0.00 ? 5  DA A N9     1 
ATOM 139 C C8     . DA A 1 5  ? 4.137   -4.569  -1.388  1.00 0.00 ? 5  DA A C8     1 
ATOM 140 N N7     . DA A 1 5  ? 3.623   -4.447  -0.197  1.00 0.00 ? 5  DA A N7     1 
ATOM 141 C C5     . DA A 1 5  ? 2.256   -4.580  -0.412  1.00 0.00 ? 5  DA A C5     1 
ATOM 142 C C6     . DA A 1 5  ? 1.152   -4.548  0.453   1.00 0.00 ? 5  DA A C6     1 
ATOM 143 N N6     . DA A 1 5  ? 1.253   -4.384  1.769   1.00 0.00 ? 5  DA A N6     1 
ATOM 144 N N1     . DA A 1 5  ? -0.068  -4.710  -0.082  1.00 0.00 ? 5  DA A N1     1 
ATOM 145 C C2     . DA A 1 5  ? -0.177  -4.893  -1.394  1.00 0.00 ? 5  DA A C2     1 
ATOM 146 N N3     . DA A 1 5  ? 0.780   -4.945  -2.310  1.00 0.00 ? 5  DA A N3     1 
ATOM 147 C C4     . DA A 1 5  ? 1.990   -4.777  -1.736  1.00 0.00 ? 5  DA A C4     1 
ATOM 148 H "H5'"  . DA A 1 5  ? 6.456   -7.507  -3.654  1.00 0.00 ? 5  DA A "H5'"  1 
ATOM 149 H "H5''" . DA A 1 5  ? 7.448   -6.365  -4.584  1.00 0.00 ? 5  DA A "H5''" 1 
ATOM 150 H "H4'"  . DA A 1 5  ? 5.272   -6.754  -5.672  1.00 0.00 ? 5  DA A "H4'"  1 
ATOM 151 H "H3'"  . DA A 1 5  ? 6.249   -4.158  -5.187  1.00 0.00 ? 5  DA A "H3'"  1 
ATOM 152 H "H2'"  . DA A 1 5  ? 4.822   -3.374  -3.607  1.00 0.00 ? 5  DA A "H2'"  1 
ATOM 153 H "H2''" . DA A 1 5  ? 3.708   -3.217  -4.992  1.00 0.00 ? 5  DA A "H2''" 1 
ATOM 154 H "H1'"  . DA A 1 5  ? 2.487   -5.009  -4.340  1.00 0.00 ? 5  DA A "H1'"  1 
ATOM 155 H H8     . DA A 1 5  ? 5.207   -4.512  -1.585  1.00 0.00 ? 5  DA A H8     1 
ATOM 156 H H61    . DA A 1 5  ? 0.425   -4.410  2.347   1.00 0.00 ? 5  DA A H61    1 
ATOM 157 H H62    . DA A 1 5  ? 2.158   -4.235  2.190   1.00 0.00 ? 5  DA A H62    1 
ATOM 158 H H2     . DA A 1 5  ? -1.193  -5.017  -1.767  1.00 0.00 ? 5  DA A H2     1 
ATOM 159 P P      . DC A 1 6  ? 4.500   -3.294  -7.416  1.00 0.00 ? 6  DC A P      1 
ATOM 160 O OP1    . DC A 1 6  ? 4.616   -3.570  -8.867  1.00 0.00 ? 6  DC A OP1    1 
ATOM 161 O OP2    . DC A 1 6  ? 5.290   -2.198  -6.809  1.00 0.00 ? 6  DC A OP2    1 
ATOM 162 O "O5'"  . DC A 1 6  ? 2.943   -3.040  -7.071  1.00 0.00 ? 6  DC A "O5'"  1 
ATOM 163 C "C5'"  . DC A 1 6  ? 1.922   -3.849  -7.671  1.00 0.00 ? 6  DC A "C5'"  1 
ATOM 164 C "C4'"  . DC A 1 6  ? 0.514   -3.352  -7.338  1.00 0.00 ? 6  DC A "C4'"  1 
ATOM 165 O "O4'"  . DC A 1 6  ? 0.329   -3.399  -5.884  1.00 0.00 ? 6  DC A "O4'"  1 
ATOM 166 C "C3'"  . DC A 1 6  ? 0.239   -1.897  -7.697  1.00 0.00 ? 6  DC A "C3'"  1 
ATOM 167 O "O3'"  . DC A 1 6  ? -1.060  -1.898  -8.308  1.00 0.00 ? 6  DC A "O3'"  1 
ATOM 168 C "C2'"  . DC A 1 6  ? 0.199   -1.089  -6.444  1.00 0.00 ? 6  DC A "C2'"  1 
ATOM 169 C "C1'"  . DC A 1 6  ? -0.038  -2.098  -5.349  1.00 0.00 ? 6  DC A "C1'"  1 
ATOM 170 N N1     . DC A 1 6  ? 0.783   -1.820  -4.151  1.00 0.00 ? 6  DC A N1     1 
ATOM 171 C C2     . DC A 1 6  ? 0.156   -1.874  -2.914  1.00 0.00 ? 6  DC A C2     1 
ATOM 172 O O2     . DC A 1 6  ? -1.047  -2.110  -2.834  1.00 0.00 ? 6  DC A O2     1 
ATOM 173 N N3     . DC A 1 6  ? 0.896   -1.653  -1.794  1.00 0.00 ? 6  DC A N3     1 
ATOM 174 C C4     . DC A 1 6  ? 2.202   -1.386  -1.883  1.00 0.00 ? 6  DC A C4     1 
ATOM 175 N N4     . DC A 1 6  ? 2.871   -1.194  -0.751  1.00 0.00 ? 6  DC A N4     1 
ATOM 176 C C5     . DC A 1 6  ? 2.857   -1.323  -3.151  1.00 0.00 ? 6  DC A C5     1 
ATOM 177 C C6     . DC A 1 6  ? 2.115   -1.545  -4.252  1.00 0.00 ? 6  DC A C6     1 
ATOM 178 H "H5'"  . DC A 1 6  ? 2.026   -4.875  -7.315  1.00 0.00 ? 6  DC A "H5'"  1 
ATOM 179 H "H5''" . DC A 1 6  ? 2.052   -3.838  -8.754  1.00 0.00 ? 6  DC A "H5''" 1 
ATOM 180 H "H4'"  . DC A 1 6  ? -0.215  -4.009  -7.811  1.00 0.00 ? 6  DC A "H4'"  1 
ATOM 181 H "H3'"  . DC A 1 6  ? 0.982   -1.496  -8.388  1.00 0.00 ? 6  DC A "H3'"  1 
ATOM 182 H "H2'"  . DC A 1 6  ? 1.156   -0.591  -6.295  1.00 0.00 ? 6  DC A "H2'"  1 
ATOM 183 H "H2''" . DC A 1 6  ? -0.604  -0.358  -6.476  1.00 0.00 ? 6  DC A "H2''" 1 
ATOM 184 H "H1'"  . DC A 1 6  ? -1.096  -2.100  -5.080  1.00 0.00 ? 6  DC A "H1'"  1 
ATOM 185 H H41    . DC A 1 6  ? 2.389   -1.258  0.137   1.00 0.00 ? 6  DC A H41    1 
ATOM 186 H H42    . DC A 1 6  ? 3.858   -0.987  -0.776  1.00 0.00 ? 6  DC A H42    1 
ATOM 187 H H5     . DC A 1 6  ? 3.921   -1.104  -3.234  1.00 0.00 ? 6  DC A H5     1 
ATOM 188 H H6     . DC A 1 6  ? 2.585   -1.502  -5.235  1.00 0.00 ? 6  DC A H6     1 
ATOM 189 P P      . DG A 1 7  ? -1.770  -0.523  -8.770  1.00 0.00 ? 7  DG A P      1 
ATOM 190 O OP1    . DG A 1 7  ? -2.686  -0.830  -9.893  1.00 0.00 ? 7  DG A OP1    1 
ATOM 191 O OP2    . DG A 1 7  ? -0.721  0.509   -8.938  1.00 0.00 ? 7  DG A OP2    1 
ATOM 192 O "O5'"  . DG A 1 7  ? -2.661  -0.135  -7.482  1.00 0.00 ? 7  DG A "O5'"  1 
ATOM 193 C "C5'"  . DG A 1 7  ? -3.877  -0.840  -7.198  1.00 0.00 ? 7  DG A "C5'"  1 
ATOM 194 C "C4'"  . DG A 1 7  ? -4.746  -0.107  -6.176  1.00 0.00 ? 7  DG A "C4'"  1 
ATOM 195 O "O4'"  . DG A 1 7  ? -4.064  -0.120  -4.877  1.00 0.00 ? 7  DG A "O4'"  1 
ATOM 196 C "C3'"  . DG A 1 7  ? -4.960  1.377   -6.461  1.00 0.00 ? 7  DG A "C3'"  1 
ATOM 197 O "O3'"  . DG A 1 7  ? -6.357  1.608   -6.221  1.00 0.00 ? 7  DG A "O3'"  1 
ATOM 198 C "C2'"  . DG A 1 7  ? -4.142  2.177   -5.499  1.00 0.00 ? 7  DG A "C2'"  1 
ATOM 199 C "C1'"  . DG A 1 7  ? -3.848  1.227   -4.369  1.00 0.00 ? 7  DG A "C1'"  1 
ATOM 200 N N9     . DG A 1 7  ? -2.455  1.347   -3.900  1.00 0.00 ? 7  DG A N9     1 
ATOM 201 C C8     . DG A 1 7  ? -1.299  1.348   -4.637  1.00 0.00 ? 7  DG A C8     1 
ATOM 202 N N7     . DG A 1 7  ? -0.216  1.423   -3.914  1.00 0.00 ? 7  DG A N7     1 
ATOM 203 C C5     . DG A 1 7  ? -0.689  1.480   -2.607  1.00 0.00 ? 7  DG A C5     1 
ATOM 204 C C6     . DG A 1 7  ? 0.022   1.571   -1.379  1.00 0.00 ? 7  DG A C6     1 
ATOM 205 O O6     . DG A 1 7  ? 1.238   1.599   -1.200  1.00 0.00 ? 7  DG A O6     1 
ATOM 206 N N1     . DG A 1 7  ? -0.834  1.607   -0.296  1.00 0.00 ? 7  DG A N1     1 
ATOM 207 C C2     . DG A 1 7  ? -2.202  1.559   -0.372  1.00 0.00 ? 7  DG A C2     1 
ATOM 208 N N2     . DG A 1 7  ? -2.871  1.607   0.771   1.00 0.00 ? 7  DG A N2     1 
ATOM 209 N N3     . DG A 1 7  ? -2.882  1.470   -1.512  1.00 0.00 ? 7  DG A N3     1 
ATOM 210 C C4     . DG A 1 7  ? -2.062  1.436   -2.587  1.00 0.00 ? 7  DG A C4     1 
ATOM 211 H "H5'"  . DG A 1 7  ? -3.632  -1.829  -6.810  1.00 0.00 ? 7  DG A "H5'"  1 
ATOM 212 H "H5''" . DG A 1 7  ? -4.442  -0.953  -8.124  1.00 0.00 ? 7  DG A "H5''" 1 
ATOM 213 H "H4'"  . DG A 1 7  ? -5.705  -0.631  -6.084  1.00 0.00 ? 7  DG A "H4'"  1 
ATOM 214 H "H3'"  . DG A 1 7  ? -4.705  1.637   -7.489  1.00 0.00 ? 7  DG A "H3'"  1 
ATOM 215 H "H2'"  . DG A 1 7  ? -3.211  2.495   -5.974  1.00 0.00 ? 7  DG A "H2'"  1 
ATOM 216 H "H2''" . DG A 1 7  ? -4.694  3.043   -5.140  1.00 0.00 ? 7  DG A "H2''" 1 
ATOM 217 H "H1'"  . DG A 1 7  ? -4.532  1.419   -3.542  1.00 0.00 ? 7  DG A "H1'"  1 
ATOM 218 H H8     . DG A 1 7  ? -1.289  1.313   -5.725  1.00 0.00 ? 7  DG A H8     1 
ATOM 219 H H1     . DG A 1 7  ? -0.414  1.675   0.616   1.00 0.00 ? 7  DG A H1     1 
ATOM 220 H H21    . DG A 1 7  ? -2.372  1.692   1.646   1.00 0.00 ? 7  DG A H21    1 
ATOM 221 H H22    . DG A 1 7  ? -3.878  1.560   0.766   1.00 0.00 ? 7  DG A H22    1 
ATOM 222 P P      . DT A 1 8  ? -6.981  3.097   -6.248  1.00 0.00 ? 8  DT A P      1 
ATOM 223 O OP1    . DT A 1 8  ? -8.407  2.996   -6.635  1.00 0.00 ? 8  DT A OP1    1 
ATOM 224 O OP2    . DT A 1 8  ? -6.068  3.973   -7.020  1.00 0.00 ? 8  DT A OP2    1 
ATOM 225 O "O5'"  . DT A 1 8  ? -6.905  3.532   -4.697  1.00 0.00 ? 8  DT A "O5'"  1 
ATOM 226 C "C5'"  . DT A 1 8  ? -7.715  2.867   -3.719  1.00 0.00 ? 8  DT A "C5'"  1 
ATOM 227 C "C4'"  . DT A 1 8  ? -7.544  3.465   -2.325  1.00 0.00 ? 8  DT A "C4'"  1 
ATOM 228 O "O4'"  . DT A 1 8  ? -6.143  3.304   -1.916  1.00 0.00 ? 8  DT A "O4'"  1 
ATOM 229 C "C3'"  . DT A 1 8  ? -7.785  4.968   -2.232  1.00 0.00 ? 8  DT A "C3'"  1 
ATOM 230 O "O3'"  . DT A 1 8  ? -8.606  5.153   -1.070  1.00 0.00 ? 8  DT A "O3'"  1 
ATOM 231 C "C2'"  . DT A 1 8  ? -6.475  5.650   -2.026  1.00 0.00 ? 8  DT A "C2'"  1 
ATOM 232 C "C1'"  . DT A 1 8  ? -5.564  4.569   -1.503  1.00 0.00 ? 8  DT A "C1'"  1 
ATOM 233 N N1     . DT A 1 8  ? -4.193  4.687   -2.048  1.00 0.00 ? 8  DT A N1     1 
ATOM 234 C C2     . DT A 1 8  ? -3.143  4.626   -1.147  1.00 0.00 ? 8  DT A C2     1 
ATOM 235 O O2     . DT A 1 8  ? -3.311  4.484   0.059   1.00 0.00 ? 8  DT A O2     1 
ATOM 236 N N3     . DT A 1 8  ? -1.879  4.740   -1.680  1.00 0.00 ? 8  DT A N3     1 
ATOM 237 C C4     . DT A 1 8  ? -1.567  4.910   -3.010  1.00 0.00 ? 8  DT A C4     1 
ATOM 238 O O4     . DT A 1 8  ? -0.394  4.997   -3.361  1.00 0.00 ? 8  DT A O4     1 
ATOM 239 C C5     . DT A 1 8  ? -2.715  4.965   -3.884  1.00 0.00 ? 8  DT A C5     1 
ATOM 240 C C7     . DT A 1 8  ? -2.510  5.176   -5.383  1.00 0.00 ? 8  DT A C7     1 
ATOM 241 C C6     . DT A 1 8  ? -3.967  4.853   -3.391  1.00 0.00 ? 8  DT A C6     1 
ATOM 242 H "H5'"  . DT A 1 8  ? -7.439  1.813   -3.687  1.00 0.00 ? 8  DT A "H5'"  1 
ATOM 243 H "H5''" . DT A 1 8  ? -8.762  2.951   -4.012  1.00 0.00 ? 8  DT A "H5''" 1 
ATOM 244 H "H4'"  . DT A 1 8  ? -8.185  2.928   -1.624  1.00 0.00 ? 8  DT A "H4'"  1 
ATOM 245 H "H3'"  . DT A 1 8  ? -8.286  5.360   -3.119  1.00 0.00 ? 8  DT A "H3'"  1 
ATOM 246 H "H2'"  . DT A 1 8  ? -6.101  6.029   -2.978  1.00 0.00 ? 8  DT A "H2'"  1 
ATOM 247 H "H2''" . DT A 1 8  ? -6.564  6.462   -1.308  1.00 0.00 ? 8  DT A "H2''" 1 
ATOM 248 H "H1'"  . DT A 1 8  ? -5.531  4.615   -0.411  1.00 0.00 ? 8  DT A "H1'"  1 
ATOM 249 H H3     . DT A 1 8  ? -1.108  4.698   -1.031  1.00 0.00 ? 8  DT A H3     1 
ATOM 250 H H71    . DT A 1 8  ? -2.820  6.185   -5.654  1.00 0.00 ? 8  DT A H71    1 
ATOM 251 H H72    . DT A 1 8  ? -3.104  4.454   -5.939  1.00 0.00 ? 8  DT A H72    1 
ATOM 252 H H73    . DT A 1 8  ? -1.455  5.042   -5.628  1.00 0.00 ? 8  DT A H73    1 
ATOM 253 H H6     . DT A 1 8  ? -4.815  4.893   -4.075  1.00 0.00 ? 8  DT A H6     1 
ATOM 254 P P      . DT A 1 9  ? -9.043  6.630   -0.582  1.00 0.00 ? 9  DT A P      1 
ATOM 255 O OP1    . DT A 1 9  ? -10.293 6.509   0.203   1.00 0.00 ? 9  DT A OP1    1 
ATOM 256 O OP2    . DT A 1 9  ? -8.989  7.541   -1.748  1.00 0.00 ? 9  DT A OP2    1 
ATOM 257 O "O5'"  . DT A 1 9  ? -7.847  7.032   0.423   1.00 0.00 ? 9  DT A "O5'"  1 
ATOM 258 C "C5'"  . DT A 1 9  ? -7.704  6.367   1.685   1.00 0.00 ? 9  DT A "C5'"  1 
ATOM 259 C "C4'"  . DT A 1 9  ? -6.542  6.928   2.503   1.00 0.00 ? 9  DT A "C4'"  1 
ATOM 260 O "O4'"  . DT A 1 9  ? -5.307  6.768   1.731   1.00 0.00 ? 9  DT A "O4'"  1 
ATOM 261 C "C3'"  . DT A 1 9  ? -6.610  8.425   2.783   1.00 0.00 ? 9  DT A "C3'"  1 
ATOM 262 O "O3'"  . DT A 1 9  ? -6.235  8.565   4.162   1.00 0.00 ? 9  DT A "O3'"  1 
ATOM 263 C "C2'"  . DT A 1 9  ? -5.616  9.122   1.918   1.00 0.00 ? 9  DT A "C2'"  1 
ATOM 264 C "C1'"  . DT A 1 9  ? -4.649  8.041   1.499   1.00 0.00 ? 9  DT A "C1'"  1 
ATOM 265 N N1     . DT A 1 9  ? -4.283  8.141   0.067   1.00 0.00 ? 9  DT A N1     1 
ATOM 266 C C2     . DT A 1 9  ? -2.955  7.938   -0.266  1.00 0.00 ? 9  DT A C2     1 
ATOM 267 O O2     . DT A 1 9  ? -2.088  7.710   0.574   1.00 0.00 ? 9  DT A O2     1 
ATOM 268 N N3     . DT A 1 9  ? -2.645  8.017   -1.606  1.00 0.00 ? 9  DT A N3     1 
ATOM 269 C C4     . DT A 1 9  ? -3.527  8.281   -2.632  1.00 0.00 ? 9  DT A C4     1 
ATOM 270 O O4     . DT A 1 9  ? -3.129  8.319   -3.792  1.00 0.00 ? 9  DT A O4     1 
ATOM 271 C C5     . DT A 1 9  ? -4.891  8.484   -2.199  1.00 0.00 ? 9  DT A C5     1 
ATOM 272 C C7     . DT A 1 9  ? -5.970  8.803   -3.233  1.00 0.00 ? 9  DT A C7     1 
ATOM 273 C C6     . DT A 1 9  ? -5.223  8.409   -0.896  1.00 0.00 ? 9  DT A C6     1 
ATOM 274 H "H5'"  . DT A 1 9  ? -7.530  5.305   1.509   1.00 0.00 ? 9  DT A "H5'"  1 
ATOM 275 H "H5''" . DT A 1 9  ? -8.627  6.485   2.255   1.00 0.00 ? 9  DT A "H5''" 1 
ATOM 276 H "H4'"  . DT A 1 9  ? -6.458  6.367   3.433   1.00 0.00 ? 9  DT A "H4'"  1 
ATOM 277 H "H3'"  . DT A 1 9  ? -7.610  8.827   2.619   1.00 0.00 ? 9  DT A "H3'"  1 
ATOM 278 H "H2'"  . DT A 1 9  ? -6.115  9.541   1.045   1.00 0.00 ? 9  DT A "H2'"  1 
ATOM 279 H "H2''" . DT A 1 9  ? -5.104  9.907   2.468   1.00 0.00 ? 9  DT A "H2''" 1 
ATOM 280 H "H1'"  . DT A 1 9  ? -3.749  8.103   2.114   1.00 0.00 ? 9  DT A "H1'"  1 
ATOM 281 H H3     . DT A 1 9  ? -1.680  7.871   -1.861  1.00 0.00 ? 9  DT A H3     1 
ATOM 282 H H71    . DT A 1 9  ? -6.366  9.801   -3.049  1.00 0.00 ? 9  DT A H71    1 
ATOM 283 H H72    . DT A 1 9  ? -6.776  8.073   -3.157  1.00 0.00 ? 9  DT A H72    1 
ATOM 284 H H73    . DT A 1 9  ? -5.539  8.763   -4.234  1.00 0.00 ? 9  DT A H73    1 
ATOM 285 H H6     . DT A 1 9  ? -6.262  8.557   -0.602  1.00 0.00 ? 9  DT A H6     1 
ATOM 286 P P      . DA A 1 10 ? -6.137  10.017  4.861   1.00 0.00 ? 10 DA A P      1 
ATOM 287 O OP1    . DA A 1 10 ? -6.693  9.910   6.230   1.00 0.00 ? 10 DA A OP1    1 
ATOM 288 O OP2    . DA A 1 10 ? -6.679  11.028  3.923   1.00 0.00 ? 10 DA A OP2    1 
ATOM 289 O "O5'"  . DA A 1 10 ? -4.544  10.244  4.977   1.00 0.00 ? 10 DA A "O5'"  1 
ATOM 290 C "C5'"  . DA A 1 10 ? -3.775  9.530   5.956   1.00 0.00 ? 10 DA A "C5'"  1 
ATOM 291 C "C4'"  . DA A 1 10 ? -2.376  10.122  6.129   1.00 0.00 ? 10 DA A "C4'"  1 
ATOM 292 O "O4'"  . DA A 1 10 ? -1.622  9.932   4.890   1.00 0.00 ? 10 DA A "O4'"  1 
ATOM 293 C "C3'"  . DA A 1 10 ? -2.343  11.628  6.353   1.00 0.00 ? 10 DA A "C3'"  1 
ATOM 294 O "O3'"  . DA A 1 10 ? -1.350  11.838  7.370   1.00 0.00 ? 10 DA A "O3'"  1 
ATOM 295 C "C2'"  . DA A 1 10 ? -1.924  12.291  5.086   1.00 0.00 ? 10 DA A "C2'"  1 
ATOM 296 C "C1'"  . DA A 1 10 ? -1.282  11.199  4.266   1.00 0.00 ? 10 DA A "C1'"  1 
ATOM 297 N N9     . DA A 1 10 ? -1.780  11.192  2.878   1.00 0.00 ? 10 DA A N9     1 
ATOM 298 C C8     . DA A 1 10 ? -3.073  11.286  2.431   1.00 0.00 ? 10 DA A C8     1 
ATOM 299 N N7     . DA A 1 10 ? -3.184  11.211  1.133   1.00 0.00 ? 10 DA A N7     1 
ATOM 300 C C5     . DA A 1 10 ? -1.872  11.059  0.697   1.00 0.00 ? 10 DA A C5     1 
ATOM 301 C C6     . DA A 1 10 ? -1.304  10.921  -0.579  1.00 0.00 ? 10 DA A C6     1 
ATOM 302 N N6     . DA A 1 10 ? -2.012  10.903  -1.705  1.00 0.00 ? 10 DA A N6     1 
ATOM 303 N N1     . DA A 1 10 ? 0.029   10.792  -0.658  1.00 0.00 ? 10 DA A N1     1 
ATOM 304 C C2     . DA A 1 10 ? 0.746   10.800  0.460   1.00 0.00 ? 10 DA A C2     1 
ATOM 305 N N3     . DA A 1 10 ? 0.334   10.920  1.711   1.00 0.00 ? 10 DA A N3     1 
ATOM 306 C C4     . DA A 1 10 ? -1.009  11.047  1.753   1.00 0.00 ? 10 DA A C4     1 
ATOM 307 H "H5'"  . DA A 1 10 ? -3.682  8.489   5.645   1.00 0.00 ? 10 DA A "H5'"  1 
ATOM 308 H "H5''" . DA A 1 10 ? -4.294  9.570   6.914   1.00 0.00 ? 10 DA A "H5''" 1 
ATOM 309 H "H4'"  . DA A 1 10 ? -1.866  9.602   6.938   1.00 0.00 ? 10 DA A "H4'"  1 
ATOM 310 H "H3'"  . DA A 1 10 ? -3.307  12.012  6.684   1.00 0.00 ? 10 DA A "H3'"  1 
ATOM 311 H "H2'"  . DA A 1 10 ? -2.799  12.683  4.566   1.00 0.00 ? 10 DA A "H2'"  1 
ATOM 312 H "H2''" . DA A 1 10 ? -1.216  13.093  5.281   1.00 0.00 ? 10 DA A "H2''" 1 
ATOM 313 H "H1'"  . DA A 1 10 ? -0.200  11.329  4.268   1.00 0.00 ? 10 DA A "H1'"  1 
ATOM 314 H H8     . DA A 1 10 ? -3.926  11.414  3.096   1.00 0.00 ? 10 DA A H8     1 
ATOM 315 H H61    . DA A 1 10 ? -1.549  10.756  -2.593  1.00 0.00 ? 10 DA A H61    1 
ATOM 316 H H62    . DA A 1 10 ? -3.012  11.038  -1.674  1.00 0.00 ? 10 DA A H62    1 
ATOM 317 H H2     . DA A 1 10 ? 1.823   10.689  0.328   1.00 0.00 ? 10 DA A H2     1 
ATOM 318 P P      . DC A 1 11 ? -0.886  13.325  7.798   1.00 0.00 ? 11 DC A P      1 
ATOM 319 O OP1    . DC A 1 11 ? -0.338  13.264  9.171   1.00 0.00 ? 11 DC A OP1    1 
ATOM 320 O OP2    . DC A 1 11 ? -1.988  14.264  7.485   1.00 0.00 ? 11 DC A OP2    1 
ATOM 321 O "O5'"  . DC A 1 11 ? 0.330   13.620  6.777   1.00 0.00 ? 11 DC A "O5'"  1 
ATOM 322 C "C5'"  . DC A 1 11 ? 1.590   12.954  6.935   1.00 0.00 ? 11 DC A "C5'"  1 
ATOM 323 C "C4'"  . DC A 1 11 ? 2.624   13.418  5.909   1.00 0.00 ? 11 DC A "C4'"  1 
ATOM 324 O "O4'"  . DC A 1 11 ? 2.124   13.111  4.564   1.00 0.00 ? 11 DC A "O4'"  1 
ATOM 325 C "C3'"  . DC A 1 11 ? 2.870   14.924  5.873   1.00 0.00 ? 11 DC A "C3'"  1 
ATOM 326 O "O3'"  . DC A 1 11 ? 4.297   15.068  5.791   1.00 0.00 ? 11 DC A "O3'"  1 
ATOM 327 C "C2'"  . DC A 1 11 ? 2.244   15.478  4.640   1.00 0.00 ? 11 DC A "C2'"  1 
ATOM 328 C "C1'"  . DC A 1 11 ? 2.136   14.292  3.718   1.00 0.00 ? 11 DC A "C1'"  1 
ATOM 329 N N1     . DC A 1 11 ? 0.900   14.325  2.905   1.00 0.00 ? 11 DC A N1     1 
ATOM 330 C C2     . DC A 1 11 ? 1.024   14.096  1.543   1.00 0.00 ? 11 DC A C2     1 
ATOM 331 O O2     . DC A 1 11 ? 2.127   13.894  1.041   1.00 0.00 ? 11 DC A O2     1 
ATOM 332 N N3     . DC A 1 11 ? -0.096  14.105  0.771   1.00 0.00 ? 11 DC A N3     1 
ATOM 333 C C4     . DC A 1 11 ? -1.295  14.332  1.315   1.00 0.00 ? 11 DC A C4     1 
ATOM 334 N N4     . DC A 1 11 ? -2.350  14.323  0.506   1.00 0.00 ? 11 DC A N4     1 
ATOM 335 C C5     . DC A 1 11 ? -1.434  14.570  2.717   1.00 0.00 ? 11 DC A C5     1 
ATOM 336 C C6     . DC A 1 11 ? -0.319  14.558  3.471   1.00 0.00 ? 11 DC A C6     1 
ATOM 337 H "H5'"  . DC A 1 11 ? 1.440   11.879  6.824   1.00 0.00 ? 11 DC A "H5'"  1 
ATOM 338 H "H5''" . DC A 1 11 ? 1.973   13.156  7.936   1.00 0.00 ? 11 DC A "H5''" 1 
ATOM 339 H "H4'"  . DC A 1 11 ? 3.556   12.880  6.075   1.00 0.00 ? 11 DC A "H4'"  1 
ATOM 340 H "H3'"  . DC A 1 11 ? 2.486   15.427  6.761   1.00 0.00 ? 11 DC A "H3'"  1 
ATOM 341 H "H2'"  . DC A 1 11 ? 1.252   15.866  4.871   1.00 0.00 ? 11 DC A "H2'"  1 
ATOM 342 H "H2''" . DC A 1 11 ? 2.860   16.258  4.201   1.00 0.00 ? 11 DC A "H2''" 1 
ATOM 343 H "H1'"  . DC A 1 11 ? 3.006   14.261  3.062   1.00 0.00 ? 11 DC A "H1'"  1 
ATOM 344 H H41    . DC A 1 11 ? -2.226  14.148  -0.483  1.00 0.00 ? 11 DC A H41    1 
ATOM 345 H H42    . DC A 1 11 ? -3.273  14.489  0.878   1.00 0.00 ? 11 DC A H42    1 
ATOM 346 H H5     . DC A 1 11 ? -2.408  14.754  3.171   1.00 0.00 ? 11 DC A H5     1 
ATOM 347 H H6     . DC A 1 11 ? -0.390  14.741  4.542   1.00 0.00 ? 11 DC A H6     1 
ATOM 348 P P      . DG A 1 12 ? 4.995   16.525  5.749   1.00 0.00 ? 12 DG A P      1 
ATOM 349 O OP1    . DG A 1 12 ? 6.150   16.511  6.674   1.00 0.00 ? 12 DG A OP1    1 
ATOM 350 O OP2    . DG A 1 12 ? 3.943   17.555  5.901   1.00 0.00 ? 12 DG A OP2    1 
ATOM 351 O "O5'"  . DG A 1 12 ? 5.560   16.603  4.239   1.00 0.00 ? 12 DG A "O5'"  1 
ATOM 352 C "C5'"  . DG A 1 12 ? 6.705   15.836  3.845   1.00 0.00 ? 12 DG A "C5'"  1 
ATOM 353 C "C4'"  . DG A 1 12 ? 7.208   16.224  2.455   1.00 0.00 ? 12 DG A "C4'"  1 
ATOM 354 O "O4'"  . DG A 1 12 ? 6.165   15.936  1.471   1.00 0.00 ? 12 DG A "O4'"  1 
ATOM 355 C "C3'"  . DG A 1 12 ? 7.499   17.709  2.268   1.00 0.00 ? 12 DG A "C3'"  1 
ATOM 356 O "O3'"  . DG A 1 12 ? 8.695   17.861  1.497   1.00 0.00 ? 12 DG A "O3'"  1 
ATOM 357 C "C2'"  . DG A 1 12 ? 6.355   18.310  1.522   1.00 0.00 ? 12 DG A "C2'"  1 
ATOM 358 C "C1'"  . DG A 1 12 ? 5.684   17.149  0.831   1.00 0.00 ? 12 DG A "C1'"  1 
ATOM 359 N N9     . DG A 1 12 ? 4.217   17.209  0.963   1.00 0.00 ? 12 DG A N9     1 
ATOM 360 C C8     . DG A 1 12 ? 3.467   17.388  2.096   1.00 0.00 ? 12 DG A C8     1 
ATOM 361 N N7     . DG A 1 12 ? 2.181   17.374  1.883   1.00 0.00 ? 12 DG A N7     1 
ATOM 362 C C5     . DG A 1 12 ? 2.071   17.174  0.512   1.00 0.00 ? 12 DG A C5     1 
ATOM 363 C C6     . DG A 1 12 ? 0.914   17.071  -0.307  1.00 0.00 ? 12 DG A C6     1 
ATOM 364 O O6     . DG A 1 12 ? -0.267  17.129  0.027   1.00 0.00 ? 12 DG A O6     1 
ATOM 365 N N1     . DG A 1 12 ? 1.244   16.872  -1.633  1.00 0.00 ? 12 DG A N1     1 
ATOM 366 C C2     . DG A 1 12 ? 2.522   16.782  -2.123  1.00 0.00 ? 12 DG A C2     1 
ATOM 367 N N2     . DG A 1 12 ? 2.654   16.580  -3.426  1.00 0.00 ? 12 DG A N2     1 
ATOM 368 N N3     . DG A 1 12 ? 3.617   16.876  -1.371  1.00 0.00 ? 12 DG A N3     1 
ATOM 369 C C4     . DG A 1 12 ? 3.315   17.072  -0.064  1.00 0.00 ? 12 DG A C4     1 
ATOM 370 H "H5'"  . DG A 1 12 ? 6.440   14.778  3.843   1.00 0.00 ? 12 DG A "H5'"  1 
ATOM 371 H "H5''" . DG A 1 12 ? 7.505   15.999  4.569   1.00 0.00 ? 12 DG A "H5''" 1 
ATOM 372 H "H4'"  . DG A 1 12 ? 8.090   15.629  2.221   1.00 0.00 ? 12 DG A "H4'"  1 
ATOM 373 H "H3'"  . DG A 1 12 ? 7.599   18.205  3.233   1.00 0.00 ? 12 DG A "H3'"  1 
ATOM 374 H "HO3'" . DG A 1 12 ? 8.568   17.379  0.677   1.00 0.00 ? 12 DG A "HO3'" 1 
ATOM 375 H "H2'"  . DG A 1 12 ? 5.662   18.779  2.221   1.00 0.00 ? 12 DG A "H2'"  1 
ATOM 376 H "H2''" . DG A 1 12 ? 6.706   19.042  0.795   1.00 0.00 ? 12 DG A "H2''" 1 
ATOM 377 H "H1'"  . DG A 1 12 ? 5.959   17.141  -0.224  1.00 0.00 ? 12 DG A "H1'"  1 
ATOM 378 H H8     . DG A 1 12 ? 3.907   17.533  3.082   1.00 0.00 ? 12 DG A H8     1 
ATOM 379 H H1     . DG A 1 12 ? 0.481   16.793  -2.287  1.00 0.00 ? 12 DG A H1     1 
ATOM 380 H H21    . DG A 1 12 ? 1.835   16.535  -4.017  1.00 0.00 ? 12 DG A H21    1 
ATOM 381 H H22    . DG A 1 12 ? 3.572   16.465  -3.826  1.00 0.00 ? 12 DG A H22    1 
ATOM 382 O "O5'"  . DC B 1 1  ? -4.923  16.708  -6.693  1.00 0.00 ? 1  DC B "O5'"  1 
ATOM 383 C "C5'"  . DC B 1 1  ? -4.675  17.267  -7.987  1.00 0.00 ? 1  DC B "C5'"  1 
ATOM 384 C "C4'"  . DC B 1 1  ? -3.201  17.171  -8.374  1.00 0.00 ? 1  DC B "C4'"  1 
ATOM 385 O "O4'"  . DC B 1 1  ? -2.403  17.911  -7.395  1.00 0.00 ? 1  DC B "O4'"  1 
ATOM 386 C "C3'"  . DC B 1 1  ? -2.620  15.766  -8.332  1.00 0.00 ? 1  DC B "C3'"  1 
ATOM 387 O "O3'"  . DC B 1 1  ? -1.808  15.653  -9.507  1.00 0.00 ? 1  DC B "O3'"  1 
ATOM 388 C "C2'"  . DC B 1 1  ? -1.768  15.623  -7.118  1.00 0.00 ? 1  DC B "C2'"  1 
ATOM 389 C "C1'"  . DC B 1 1  ? -1.542  17.029  -6.620  1.00 0.00 ? 1  DC B "C1'"  1 
ATOM 390 N N1     . DC B 1 1  ? -1.881  17.153  -5.186  1.00 0.00 ? 1  DC B N1     1 
ATOM 391 C C2     . DC B 1 1  ? -0.876  16.898  -4.263  1.00 0.00 ? 1  DC B C2     1 
ATOM 392 O O2     . DC B 1 1  ? 0.251   16.589  -4.637  1.00 0.00 ? 1  DC B O2     1 
ATOM 393 N N3     . DC B 1 1  ? -1.164  17.001  -2.937  1.00 0.00 ? 1  DC B N3     1 
ATOM 394 C C4     . DC B 1 1  ? -2.392  17.340  -2.531  1.00 0.00 ? 1  DC B C4     1 
ATOM 395 N N4     . DC B 1 1  ? -2.608  17.425  -1.223  1.00 0.00 ? 1  DC B N4     1 
ATOM 396 C C5     . DC B 1 1  ? -3.433  17.605  -3.474  1.00 0.00 ? 1  DC B C5     1 
ATOM 397 C C6     . DC B 1 1  ? -3.137  17.500  -4.782  1.00 0.00 ? 1  DC B C6     1 
ATOM 398 H "H5'"  . DC B 1 1  ? -4.974  18.315  -7.986  1.00 0.00 ? 1  DC B "H5'"  1 
ATOM 399 H "H5''" . DC B 1 1  ? -5.271  16.729  -8.726  1.00 0.00 ? 1  DC B "H5''" 1 
ATOM 400 H "H4'"  . DC B 1 1  ? -3.060  17.616  -9.359  1.00 0.00 ? 1  DC B "H4'"  1 
ATOM 401 H "H3'"  . DC B 1 1  ? -3.401  15.002  -8.341  1.00 0.00 ? 1  DC B "H3'"  1 
ATOM 402 H "H2'"  . DC B 1 1  ? -2.293  15.040  -6.361  1.00 0.00 ? 1  DC B "H2'"  1 
ATOM 403 H "H2''" . DC B 1 1  ? -0.819  15.149  -7.365  1.00 0.00 ? 1  DC B "H2''" 1 
ATOM 404 H "H1'"  . DC B 1 1  ? -0.499  17.309  -6.776  1.00 0.00 ? 1  DC B "H1'"  1 
ATOM 405 H H41    . DC B 1 1  ? -1.850  17.253  -0.574  1.00 0.00 ? 1  DC B H41    1 
ATOM 406 H H42    . DC B 1 1  ? -3.525  17.662  -0.876  1.00 0.00 ? 1  DC B H42    1 
ATOM 407 H H5     . DC B 1 1  ? -4.437  17.883  -3.153  1.00 0.00 ? 1  DC B H5     1 
ATOM 408 H H6     . DC B 1 1  ? -3.909  17.695  -5.526  1.00 0.00 ? 1  DC B H6     1 
ATOM 409 H "HO5'" . DC B 1 1  ? -4.564  15.817  -6.695  1.00 0.00 ? 1  DC B "HO5'" 1 
ATOM 410 P P      . DG B 1 2  ? -1.172  14.235  -9.939  1.00 0.00 ? 2  DG B P      1 
ATOM 411 O OP1    . DG B 1 2  ? -0.783  14.317  -11.366 1.00 0.00 ? 2  DG B OP1    1 
ATOM 412 O OP2    . DG B 1 2  ? -2.084  13.160  -9.485  1.00 0.00 ? 2  DG B OP2    1 
ATOM 413 O "O5'"  . DG B 1 2  ? 0.172   14.161  -9.050  1.00 0.00 ? 2  DG B "O5'"  1 
ATOM 414 C "C5'"  . DG B 1 2  ? 1.364   14.844  -9.464  1.00 0.00 ? 2  DG B "C5'"  1 
ATOM 415 C "C4'"  . DG B 1 2  ? 2.608   14.281  -8.780  1.00 0.00 ? 2  DG B "C4'"  1 
ATOM 416 O "O4'"  . DG B 1 2  ? 2.508   14.509  -7.335  1.00 0.00 ? 2  DG B "O4'"  1 
ATOM 417 C "C3'"  . DG B 1 2  ? 2.773   12.772  -8.899  1.00 0.00 ? 2  DG B "C3'"  1 
ATOM 418 O "O3'"  . DG B 1 2  ? 4.172   12.560  -9.146  1.00 0.00 ? 2  DG B "O3'"  1 
ATOM 419 C "C2'"  . DG B 1 2  ? 2.378   12.145  -7.605  1.00 0.00 ? 2  DG B "C2'"  1 
ATOM 420 C "C1'"  . DG B 1 2  ? 2.460   13.258  -6.592  1.00 0.00 ? 2  DG B "C1'"  1 
ATOM 421 N N9     . DG B 1 2  ? 1.284   13.269  -5.702  1.00 0.00 ? 2  DG B N9     1 
ATOM 422 C C8     . DG B 1 2  ? -0.044  13.166  -6.030  1.00 0.00 ? 2  DG B C8     1 
ATOM 423 N N7     . DG B 1 2  ? -0.846  13.251  -5.005  1.00 0.00 ? 2  DG B N7     1 
ATOM 424 C C5     . DG B 1 2  ? 0.011   13.419  -3.923  1.00 0.00 ? 2  DG B C5     1 
ATOM 425 C C6     . DG B 1 2  ? -0.280  13.570  -2.539  1.00 0.00 ? 2  DG B C6     1 
ATOM 426 O O6     . DG B 1 2  ? -1.377  13.600  -1.986  1.00 0.00 ? 2  DG B O6     1 
ATOM 427 N N1     . DG B 1 2  ? 0.872   13.709  -1.789  1.00 0.00 ? 2  DG B N1     1 
ATOM 428 C C2     . DG B 1 2  ? 2.146   13.706  -2.294  1.00 0.00 ? 2  DG B C2     1 
ATOM 429 N N2     . DG B 1 2  ? 3.138   13.843  -1.428  1.00 0.00 ? 2  DG B N2     1 
ATOM 430 N N3     . DG B 1 2  ? 2.436   13.569  -3.585  1.00 0.00 ? 2  DG B N3     1 
ATOM 431 C C4     . DG B 1 2  ? 1.319   13.430  -4.340  1.00 0.00 ? 2  DG B C4     1 
ATOM 432 H "H5'"  . DG B 1 2  ? 1.273   15.902  -9.217  1.00 0.00 ? 2  DG B "H5'"  1 
ATOM 433 H "H5''" . DG B 1 2  ? 1.476   14.739  -10.543 1.00 0.00 ? 2  DG B "H5''" 1 
ATOM 434 H "H4'"  . DG B 1 2  ? 3.489   14.797  -9.164  1.00 0.00 ? 2  DG B "H4'"  1 
ATOM 435 H "H3'"  . DG B 1 2  ? 2.180   12.362  -9.718  1.00 0.00 ? 2  DG B "H3'"  1 
ATOM 436 H "H2'"  . DG B 1 2  ? 1.355   11.779  -7.672  1.00 0.00 ? 2  DG B "H2'"  1 
ATOM 437 H "H2''" . DG B 1 2  ? 3.051   11.332  -7.341  1.00 0.00 ? 2  DG B "H2''" 1 
ATOM 438 H "H1'"  . DG B 1 2  ? 3.369   13.146  -5.998  1.00 0.00 ? 2  DG B "H1'"  1 
ATOM 439 H H8     . DG B 1 2  ? -0.394  13.009  -7.050  1.00 0.00 ? 2  DG B H8     1 
ATOM 440 H H1     . DG B 1 2  ? 0.759   13.819  -0.796  1.00 0.00 ? 2  DG B H1     1 
ATOM 441 H H21    . DG B 1 2  ? 2.939   13.949  -0.443  1.00 0.00 ? 2  DG B H21    1 
ATOM 442 H H22    . DG B 1 2  ? 4.093   13.837  -1.753  1.00 0.00 ? 2  DG B H22    1 
ATOM 443 P P      . DT B 1 3  ? 4.803   11.074  -9.164  1.00 0.00 ? 3  DT B P      1 
ATOM 444 O OP1    . DT B 1 3  ? 6.066   11.115  -9.936  1.00 0.00 ? 3  DT B OP1    1 
ATOM 445 O OP2    . DT B 1 3  ? 3.736   10.119  -9.544  1.00 0.00 ? 3  DT B OP2    1 
ATOM 446 O "O5'"  . DT B 1 3  ? 5.165   10.832  -7.611  1.00 0.00 ? 3  DT B "O5'"  1 
ATOM 447 C "C5'"  . DT B 1 3  ? 6.229   11.567  -6.992  1.00 0.00 ? 3  DT B "C5'"  1 
ATOM 448 C "C4'"  . DT B 1 3  ? 6.452   11.150  -5.540  1.00 0.00 ? 3  DT B "C4'"  1 
ATOM 449 O "O4'"  . DT B 1 3  ? 5.233   11.439  -4.775  1.00 0.00 ? 3  DT B "O4'"  1 
ATOM 450 C "C3'"  . DT B 1 3  ? 6.675   9.656   -5.320  1.00 0.00 ? 3  DT B "C3'"  1 
ATOM 451 O "O3'"  . DT B 1 3  ? 7.785   9.572   -4.413  1.00 0.00 ? 3  DT B "O3'"  1 
ATOM 452 C "C2'"  . DT B 1 3  ? 5.461   9.085   -4.671  1.00 0.00 ? 3  DT B "C2'"  1 
ATOM 453 C "C1'"  . DT B 1 3  ? 4.790   10.274  -4.033  1.00 0.00 ? 3  DT B "C1'"  1 
ATOM 454 N N1     . DT B 1 3  ? 3.313   10.187  -4.085  1.00 0.00 ? 3  DT B N1     1 
ATOM 455 C C2     . DT B 1 3  ? 2.622   10.473  -2.920  1.00 0.00 ? 3  DT B C2     1 
ATOM 456 O O2     . DT B 1 3  ? 3.184   10.779  -1.873  1.00 0.00 ? 3  DT B O2     1 
ATOM 457 N N3     . DT B 1 3  ? 1.251   10.391  -2.992  1.00 0.00 ? 3  DT B N3     1 
ATOM 458 C C4     . DT B 1 3  ? 0.510   10.054  -4.100  1.00 0.00 ? 3  DT B C4     1 
ATOM 459 O O4     . DT B 1 3  ? -0.715  10.018  -4.031  1.00 0.00 ? 3  DT B O4     1 
ATOM 460 C C5     . DT B 1 3  ? 1.301   9.768   -5.275  1.00 0.00 ? 3  DT B C5     1 
ATOM 461 C C7     . DT B 1 3  ? 0.602   9.363   -6.571  1.00 0.00 ? 3  DT B C7     1 
ATOM 462 C C6     . DT B 1 3  ? 2.649   9.841   -5.236  1.00 0.00 ? 3  DT B C6     1 
ATOM 463 H "H5'"  . DT B 1 3  ? 5.990   12.630  -7.021  1.00 0.00 ? 3  DT B "H5'"  1 
ATOM 464 H "H5''" . DT B 1 3  ? 7.148   11.395  -7.552  1.00 0.00 ? 3  DT B "H5''" 1 
ATOM 465 H "H4'"  . DT B 1 3  ? 7.278   11.727  -5.125  1.00 0.00 ? 3  DT B "H4'"  1 
ATOM 466 H "H3'"  . DT B 1 3  ? 6.899   9.131   -6.249  1.00 0.00 ? 3  DT B "H3'"  1 
ATOM 467 H "H2'"  . DT B 1 3  ? 4.809   8.645   -5.426  1.00 0.00 ? 3  DT B "H2'"  1 
ATOM 468 H "H2''" . DT B 1 3  ? 5.727   8.339   -3.924  1.00 0.00 ? 3  DT B "H2''" 1 
ATOM 469 H "H1'"  . DT B 1 3  ? 5.115   10.359  -2.996  1.00 0.00 ? 3  DT B "H1'"  1 
ATOM 470 H H3     . DT B 1 3  ? 0.741   10.596  -2.150  1.00 0.00 ? 3  DT B H3     1 
ATOM 471 H H71    . DT B 1 3  ? 0.745   8.296   -6.743  1.00 0.00 ? 3  DT B H71    1 
ATOM 472 H H72    . DT B 1 3  ? 1.023   9.922   -7.404  1.00 0.00 ? 3  DT B H72    1 
ATOM 473 H H73    . DT B 1 3  ? -0.465  9.578   -6.491  1.00 0.00 ? 3  DT B H73    1 
ATOM 474 H H6     . DT B 1 3  ? 3.222   9.625   -6.138  1.00 0.00 ? 3  DT B H6     1 
ATOM 475 P P      . DG B 1 4  ? 8.367   8.144   -3.933  1.00 0.00 ? 4  DG B P      1 
ATOM 476 O OP1    . DG B 1 4  ? 9.842   8.251   -3.852  1.00 0.00 ? 4  DG B OP1    1 
ATOM 477 O OP2    . DG B 1 4  ? 7.752   7.084   -4.765  1.00 0.00 ? 4  DG B OP2    1 
ATOM 478 O "O5'"  . DG B 1 4  ? 7.786   8.009   -2.435  1.00 0.00 ? 4  DG B "O5'"  1 
ATOM 479 C "C5'"  . DG B 1 4  ? 8.400   8.711   -1.344  1.00 0.00 ? 4  DG B "C5'"  1 
ATOM 480 C "C4'"  . DG B 1 4  ? 7.827   8.286   0.008   1.00 0.00 ? 4  DG B "C4'"  1 
ATOM 481 O "O4'"  . DG B 1 4  ? 6.400   8.632   0.053   1.00 0.00 ? 4  DG B "O4'"  1 
ATOM 482 C "C3'"  . DG B 1 4  ? 7.844   6.784   0.271   1.00 0.00 ? 4  DG B "C3'"  1 
ATOM 483 O "O3'"  . DG B 1 4  ? 8.256   6.650   1.642   1.00 0.00 ? 4  DG B "O3'"  1 
ATOM 484 C "C2'"  . DG B 1 4  ? 6.458   6.267   0.102   1.00 0.00 ? 4  DG B "C2'"  1 
ATOM 485 C "C1'"  . DG B 1 4  ? 5.591   7.467   0.367   1.00 0.00 ? 4  DG B "C1'"  1 
ATOM 486 N N9     . DG B 1 4  ? 4.375   7.469   -0.467  1.00 0.00 ? 4  DG B N9     1 
ATOM 487 C C8     . DG B 1 4  ? 4.264   7.347   -1.828  1.00 0.00 ? 4  DG B C8     1 
ATOM 488 N N7     . DG B 1 4  ? 3.034   7.397   -2.260  1.00 0.00 ? 4  DG B N7     1 
ATOM 489 C C5     . DG B 1 4  ? 2.280   7.562   -1.102  1.00 0.00 ? 4  DG B C5     1 
ATOM 490 C C6     . DG B 1 4  ? 0.872   7.679   -0.933  1.00 0.00 ? 4  DG B C6     1 
ATOM 491 O O6     . DG B 1 4  ? -0.008  7.666   -1.791  1.00 0.00 ? 4  DG B O6     1 
ATOM 492 N N1     . DG B 1 4  ? 0.530   7.829   0.398   1.00 0.00 ? 4  DG B N1     1 
ATOM 493 C C2     . DG B 1 4  ? 1.419   7.863   1.441   1.00 0.00 ? 4  DG B C2     1 
ATOM 494 N N2     . DG B 1 4  ? 0.916   8.013   2.656   1.00 0.00 ? 4  DG B N2     1 
ATOM 495 N N3     . DG B 1 4  ? 2.736   7.755   1.299   1.00 0.00 ? 4  DG B N3     1 
ATOM 496 C C4     . DG B 1 4  ? 3.094   7.606   0.002   1.00 0.00 ? 4  DG B C4     1 
ATOM 497 H "H5'"  . DG B 1 4  ? 8.241   9.782   -1.475  1.00 0.00 ? 4  DG B "H5'"  1 
ATOM 498 H "H5''" . DG B 1 4  ? 9.472   8.509   -1.352  1.00 0.00 ? 4  DG B "H5''" 1 
ATOM 499 H "H4'"  . DG B 1 4  ? 8.349   8.823   0.801   1.00 0.00 ? 4  DG B "H4'"  1 
ATOM 500 H "H3'"  . DG B 1 4  ? 8.536   6.259   -0.389  1.00 0.00 ? 4  DG B "H3'"  1 
ATOM 501 H "H2'"  . DG B 1 4  ? 6.314   5.919   -0.920  1.00 0.00 ? 4  DG B "H2'"  1 
ATOM 502 H "H2''" . DG B 1 4  ? 6.247   5.468   0.804   1.00 0.00 ? 4  DG B "H2''" 1 
ATOM 503 H "H1'"  . DG B 1 4  ? 5.313   7.486   1.422   1.00 0.00 ? 4  DG B "H1'"  1 
ATOM 504 H H8     . DG B 1 4  ? 5.122   7.214   -2.484  1.00 0.00 ? 4  DG B H8     1 
ATOM 505 H H1     . DG B 1 4  ? -0.451  7.915   0.611   1.00 0.00 ? 4  DG B H1     1 
ATOM 506 H H21    . DG B 1 4  ? -0.080  8.113   2.784   1.00 0.00 ? 4  DG B H21    1 
ATOM 507 H H22    . DG B 1 4  ? 1.533   8.027   3.456   1.00 0.00 ? 4  DG B H22    1 
ATOM 508 P P      . DA B 1 5  ? 8.202   5.227   2.410   1.00 0.00 ? 5  DA B P      1 
ATOM 509 O OP1    . DA B 1 5  ? 9.290   5.204   3.414   1.00 0.00 ? 5  DA B OP1    1 
ATOM 510 O OP2    . DA B 1 5  ? 8.115   4.151   1.396   1.00 0.00 ? 5  DA B OP2    1 
ATOM 511 O "O5'"  . DA B 1 5  ? 6.792   5.296   3.195   1.00 0.00 ? 5  DA B "O5'"  1 
ATOM 512 C "C5'"  . DA B 1 5  ? 6.632   6.135   4.349   1.00 0.00 ? 5  DA B "C5'"  1 
ATOM 513 C "C4'"  . DA B 1 5  ? 5.346   5.820   5.117   1.00 0.00 ? 5  DA B "C4'"  1 
ATOM 514 O "O4'"  . DA B 1 5  ? 4.199   6.041   4.237   1.00 0.00 ? 5  DA B "O4'"  1 
ATOM 515 C "C3'"  . DA B 1 5  ? 5.197   4.369   5.552   1.00 0.00 ? 5  DA B "C3'"  1 
ATOM 516 O "O3'"  . DA B 1 5  ? 4.668   4.419   6.887   1.00 0.00 ? 5  DA B "O3'"  1 
ATOM 517 C "C2'"  . DA B 1 5  ? 4.233   3.693   4.645   1.00 0.00 ? 5  DA B "C2'"  1 
ATOM 518 C "C1'"  . DA B 1 5  ? 3.457   4.813   4.010   1.00 0.00 ? 5  DA B "C1'"  1 
ATOM 519 N N9     . DA B 1 5  ? 3.302   4.609   2.558   1.00 0.00 ? 5  DA B N9     1 
ATOM 520 C C8     . DA B 1 5  ? 4.276   4.357   1.630   1.00 0.00 ? 5  DA B C8     1 
ATOM 521 N N7     . DA B 1 5  ? 3.826   4.259   0.411   1.00 0.00 ? 5  DA B N7     1 
ATOM 522 C C5     . DA B 1 5  ? 2.457   4.461   0.547   1.00 0.00 ? 5  DA B C5     1 
ATOM 523 C C6     . DA B 1 5  ? 1.404   4.483   -0.379  1.00 0.00 ? 5  DA B C6     1 
ATOM 524 N N6     . DA B 1 5  ? 1.572   4.313   -1.687  1.00 0.00 ? 5  DA B N6     1 
ATOM 525 N N1     . DA B 1 5  ? 0.166   4.707   0.085   1.00 0.00 ? 5  DA B N1     1 
ATOM 526 C C2     . DA B 1 5  ? -0.009  4.898   1.388   1.00 0.00 ? 5  DA B C2     1 
ATOM 527 N N3     . DA B 1 5  ? 0.894   4.903   2.358   1.00 0.00 ? 5  DA B N3     1 
ATOM 528 C C4     . DA B 1 5  ? 2.125   4.674   1.853   1.00 0.00 ? 5  DA B C4     1 
ATOM 529 H "H5'"  . DA B 1 5  ? 6.605   7.177   4.029   1.00 0.00 ? 5  DA B "H5'"  1 
ATOM 530 H "H5''" . DA B 1 5  ? 7.484   5.989   5.013   1.00 0.00 ? 5  DA B "H5''" 1 
ATOM 531 H "H4'"  . DA B 1 5  ? 5.272   6.488   5.975   1.00 0.00 ? 5  DA B "H4'"  1 
ATOM 532 H "H3'"  . DA B 1 5  ? 6.143   3.845   5.542   1.00 0.00 ? 5  DA B "H3'"  1 
ATOM 533 H "H2'"  . DA B 1 5  ? 4.771   3.132   3.883   1.00 0.00 ? 5  DA B "H2'"  1 
ATOM 534 H "H2''" . DA B 1 5  ? 3.573   3.033   5.201   1.00 0.00 ? 5  DA B "H2''" 1 
ATOM 535 H "H1'"  . DA B 1 5  ? 2.484   4.883   4.483   1.00 0.00 ? 5  DA B "H1'"  1 
ATOM 536 H H8     . DA B 1 5  ? 5.328   4.246   1.887   1.00 0.00 ? 5  DA B H8     1 
ATOM 537 H H61    . DA B 1 5  ? 0.780   4.379   -2.313  1.00 0.00 ? 5  DA B H61    1 
ATOM 538 H H62    . DA B 1 5  ? 2.491   4.118   -2.055  1.00 0.00 ? 5  DA B H62    1 
ATOM 539 H H2     . DA B 1 5  ? -1.038  5.073   1.703   1.00 0.00 ? 5  DA B H2     1 
ATOM 540 P P      . DC B 1 6  ? 4.227   3.073   7.667   1.00 0.00 ? 6  DC B P      1 
ATOM 541 O OP1    . DC B 1 6  ? 4.275   3.346   9.122   1.00 0.00 ? 6  DC B OP1    1 
ATOM 542 O OP2    . DC B 1 6  ? 4.995   1.938   7.105   1.00 0.00 ? 6  DC B OP2    1 
ATOM 543 O "O5'"  . DC B 1 6  ? 2.682   2.899   7.233   1.00 0.00 ? 6  DC B "O5'"  1 
ATOM 544 C "C5'"  . DC B 1 6  ? 1.671   3.759   7.775   1.00 0.00 ? 6  DC B "C5'"  1 
ATOM 545 C "C4'"  . DC B 1 6  ? 0.261   3.332   7.361   1.00 0.00 ? 6  DC B "C4'"  1 
ATOM 546 O "O4'"  . DC B 1 6  ? 0.163   3.386   5.898   1.00 0.00 ? 6  DC B "O4'"  1 
ATOM 547 C "C3'"  . DC B 1 6  ? -0.107  1.893   7.701   1.00 0.00 ? 6  DC B "C3'"  1 
ATOM 548 O "O3'"  . DC B 1 6  ? -1.437  1.961   8.236   1.00 0.00 ? 6  DC B "O3'"  1 
ATOM 549 C "C2'"  . DC B 1 6  ? -0.116  1.088   6.447   1.00 0.00 ? 6  DC B "C2'"  1 
ATOM 550 C "C1'"  . DC B 1 6  ? -0.239  2.105   5.341   1.00 0.00 ? 6  DC B "C1'"  1 
ATOM 551 N N1     . DC B 1 6  ? 0.635   1.784   4.191   1.00 0.00 ? 6  DC B N1     1 
ATOM 552 C C2     . DC B 1 6  ? 0.083   1.868   2.921   1.00 0.00 ? 6  DC B C2     1 
ATOM 553 O O2     . DC B 1 6  ? -1.099  2.165   2.772   1.00 0.00 ? 6  DC B O2     1 
ATOM 554 N N3     . DC B 1 6  ? 0.873   1.607   1.845   1.00 0.00 ? 6  DC B N3     1 
ATOM 555 C C4     . DC B 1 6  ? 2.157   1.276   2.008   1.00 0.00 ? 6  DC B C4     1 
ATOM 556 N N4     . DC B 1 6  ? 2.879   1.048   0.916   1.00 0.00 ? 6  DC B N4     1 
ATOM 557 C C5     . DC B 1 6  ? 2.734   1.182   3.311   1.00 0.00 ? 6  DC B C5     1 
ATOM 558 C C6     . DC B 1 6  ? 1.943   1.443   4.369   1.00 0.00 ? 6  DC B C6     1 
ATOM 559 H "H5'"  . DC B 1 6  ? 1.848   4.776   7.425   1.00 0.00 ? 6  DC B "H5'"  1 
ATOM 560 H "H5''" . DC B 1 6  ? 1.738   3.741   8.863   1.00 0.00 ? 6  DC B "H5''" 1 
ATOM 561 H "H4'"  . DC B 1 6  ? -0.460  4.026   7.791   1.00 0.00 ? 6  DC B "H4'"  1 
ATOM 562 H "H3'"  . DC B 1 6  ? 0.574   1.457   8.433   1.00 0.00 ? 6  DC B "H3'"  1 
ATOM 563 H "H2'"  . DC B 1 6  ? 0.822   0.541   6.351   1.00 0.00 ? 6  DC B "H2'"  1 
ATOM 564 H "H2''" . DC B 1 6  ? -0.955  0.397   6.431   1.00 0.00 ? 6  DC B "H2''" 1 
ATOM 565 H "H1'"  . DC B 1 6  ? -1.277  2.160   5.011   1.00 0.00 ? 6  DC B "H1'"  1 
ATOM 566 H H41    . DC B 1 6  ? 2.454   1.136   0.002   1.00 0.00 ? 6  DC B H41    1 
ATOM 567 H H42    . DC B 1 6  ? 3.852   0.792   0.997   1.00 0.00 ? 6  DC B H42    1 
ATOM 568 H H5     . DC B 1 6  ? 3.780   0.909   3.455   1.00 0.00 ? 6  DC B H5     1 
ATOM 569 H H6     . DC B 1 6  ? 2.353   1.378   5.376   1.00 0.00 ? 6  DC B H6     1 
ATOM 570 P P      . DG B 1 7  ? -2.241  0.624   8.655   1.00 0.00 ? 7  DG B P      1 
ATOM 571 O OP1    . DG B 1 7  ? -3.204  0.979   9.724   1.00 0.00 ? 7  DG B OP1    1 
ATOM 572 O OP2    . DG B 1 7  ? -1.257  -0.460  8.881   1.00 0.00 ? 7  DG B OP2    1 
ATOM 573 O "O5'"  . DG B 1 7  ? -3.075  0.279   7.317   1.00 0.00 ? 7  DG B "O5'"  1 
ATOM 574 C "C5'"  . DG B 1 7  ? -4.236  1.045   6.965   1.00 0.00 ? 7  DG B "C5'"  1 
ATOM 575 C "C4'"  . DG B 1 7  ? -5.081  0.356   5.894   1.00 0.00 ? 7  DG B "C4'"  1 
ATOM 576 O "O4'"  . DG B 1 7  ? -4.325  0.332   4.637   1.00 0.00 ? 7  DG B "O4'"  1 
ATOM 577 C "C3'"  . DG B 1 7  ? -5.386  -1.115  6.165   1.00 0.00 ? 7  DG B "C3'"  1 
ATOM 578 O "O3'"  . DG B 1 7  ? -6.777  -1.276  5.844   1.00 0.00 ? 7  DG B "O3'"  1 
ATOM 579 C "C2'"  . DG B 1 7  ? -4.555  -1.957  5.250   1.00 0.00 ? 7  DG B "C2'"  1 
ATOM 580 C "C1'"  . DG B 1 7  ? -4.149  -1.024  4.139   1.00 0.00 ? 7  DG B "C1'"  1 
ATOM 581 N N9     . DG B 1 7  ? -2.739  -1.216  3.750   1.00 0.00 ? 7  DG B N9     1 
ATOM 582 C C8     . DG B 1 7  ? -1.630  -1.275  4.553   1.00 0.00 ? 7  DG B C8     1 
ATOM 583 N N7     . DG B 1 7  ? -0.512  -1.404  3.893   1.00 0.00 ? 7  DG B N7     1 
ATOM 584 C C5     . DG B 1 7  ? -0.911  -1.440  2.561   1.00 0.00 ? 7  DG B C5     1 
ATOM 585 C C6     . DG B 1 7  ? -0.135  -1.568  1.377   1.00 0.00 ? 7  DG B C6     1 
ATOM 586 O O6     . DG B 1 7  ? 1.085   -1.658  1.267   1.00 0.00 ? 7  DG B O6     1 
ATOM 587 N N1     . DG B 1 7  ? -0.929  -1.562  0.245   1.00 0.00 ? 7  DG B N1     1 
ATOM 588 C C2     . DG B 1 7  ? -2.296  -1.445  0.243   1.00 0.00 ? 7  DG B C2     1 
ATOM 589 N N2     . DG B 1 7  ? -2.898  -1.462  -0.937  1.00 0.00 ? 7  DG B N2     1 
ATOM 590 N N3     . DG B 1 7  ? -3.035  -1.322  1.342   1.00 0.00 ? 7  DG B N3     1 
ATOM 591 C C4     . DG B 1 7  ? -2.276  -1.327  2.463   1.00 0.00 ? 7  DG B C4     1 
ATOM 592 H "H5'"  . DG B 1 7  ? -3.920  2.020   6.592   1.00 0.00 ? 7  DG B "H5'"  1 
ATOM 593 H "H5''" . DG B 1 7  ? -4.847  1.187   7.857   1.00 0.00 ? 7  DG B "H5''" 1 
ATOM 594 H "H4'"  . DG B 1 7  ? -6.005  0.926   5.747   1.00 0.00 ? 7  DG B "H4'"  1 
ATOM 595 H "H3'"  . DG B 1 7  ? -5.203  -1.386  7.205   1.00 0.00 ? 7  DG B "H3'"  1 
ATOM 596 H "H2'"  . DG B 1 7  ? -3.670  -2.321  5.777   1.00 0.00 ? 7  DG B "H2'"  1 
ATOM 597 H "H2''" . DG B 1 7  ? -5.129  -2.795  4.858   1.00 0.00 ? 7  DG B "H2''" 1 
ATOM 598 H "H1'"  . DG B 1 7  ? -4.794  -1.184  3.274   1.00 0.00 ? 7  DG B "H1'"  1 
ATOM 599 H H8     . DG B 1 7  ? -1.680  -1.238  5.640   1.00 0.00 ? 7  DG B H8     1 
ATOM 600 H H1     . DG B 1 7  ? -0.461  -1.653  -0.641  1.00 0.00 ? 7  DG B H1     1 
ATOM 601 H H21    . DG B 1 7  ? -2.356  -1.573  -1.782  1.00 0.00 ? 7  DG B H21    1 
ATOM 602 H H22    . DG B 1 7  ? -3.901  -1.363  -0.990  1.00 0.00 ? 7  DG B H22    1 
ATOM 603 P P      . DT B 1 8  ? -7.474  -2.732  5.833   1.00 0.00 ? 8  DT B P      1 
ATOM 604 O OP1    . DT B 1 8  ? -8.913  -2.559  6.138   1.00 0.00 ? 8  DT B OP1    1 
ATOM 605 O OP2    . DT B 1 8  ? -6.653  -3.652  6.654   1.00 0.00 ? 8  DT B OP2    1 
ATOM 606 O "O5'"  . DT B 1 8  ? -7.332  -3.173  4.289   1.00 0.00 ? 8  DT B "O5'"  1 
ATOM 607 C "C5'"  . DT B 1 8  ? -8.049  -2.469  3.267   1.00 0.00 ? 8  DT B "C5'"  1 
ATOM 608 C "C4'"  . DT B 1 8  ? -7.830  -3.076  1.883   1.00 0.00 ? 8  DT B "C4'"  1 
ATOM 609 O "O4'"  . DT B 1 8  ? -6.402  -2.987  1.555   1.00 0.00 ? 8  DT B "O4'"  1 
ATOM 610 C "C3'"  . DT B 1 8  ? -8.140  -4.566  1.775   1.00 0.00 ? 8  DT B "C3'"  1 
ATOM 611 O "O3'"  . DT B 1 8  ? -8.902  -4.712  0.567   1.00 0.00 ? 8  DT B "O3'"  1 
ATOM 612 C "C2'"  . DT B 1 8  ? -6.857  -5.314  1.644   1.00 0.00 ? 8  DT B "C2'"  1 
ATOM 613 C "C1'"  . DT B 1 8  ? -5.865  -4.280  1.174   1.00 0.00 ? 8  DT B "C1'"  1 
ATOM 614 N N1     . DT B 1 8  ? -4.534  -4.466  1.798   1.00 0.00 ? 8  DT B N1     1 
ATOM 615 C C2     . DT B 1 8  ? -3.433  -4.460  0.959   1.00 0.00 ? 8  DT B C2     1 
ATOM 616 O O2     . DT B 1 8  ? -3.524  -4.312  -0.255  1.00 0.00 ? 8  DT B O2     1 
ATOM 617 N N3     . DT B 1 8  ? -2.209  -4.637  1.563   1.00 0.00 ? 8  DT B N3     1 
ATOM 618 C C4     . DT B 1 8  ? -1.982  -4.820  2.908   1.00 0.00 ? 8  DT B C4     1 
ATOM 619 O O4     . DT B 1 8  ? -0.838  -4.966  3.325   1.00 0.00 ? 8  DT B O4     1 
ATOM 620 C C5     . DT B 1 8  ? -3.181  -4.817  3.715   1.00 0.00 ? 8  DT B C5     1 
ATOM 621 C C7     . DT B 1 8  ? -3.072  -5.036  5.223   1.00 0.00 ? 8  DT B C7     1 
ATOM 622 C C6     . DT B 1 8  ? -4.394  -4.642  3.150   1.00 0.00 ? 8  DT B C6     1 
ATOM 623 H "H5'"  . DT B 1 8  ? -7.720  -1.430  3.252   1.00 0.00 ? 8  DT B "H5'"  1 
ATOM 624 H "H5''" . DT B 1 8  ? -9.115  -2.499  3.499   1.00 0.00 ? 8  DT B "H5''" 1 
ATOM 625 H "H4'"  . DT B 1 8  ? -8.402  -2.510  1.148   1.00 0.00 ? 8  DT B "H4'"  1 
ATOM 626 H "H3'"  . DT B 1 8  ? -8.710  -4.930  2.631   1.00 0.00 ? 8  DT B "H3'"  1 
ATOM 627 H "H2'"  . DT B 1 8  ? -6.559  -5.710  2.615   1.00 0.00 ? 8  DT B "H2'"  1 
ATOM 628 H "H2''" . DT B 1 8  ? -6.946  -6.120  0.920   1.00 0.00 ? 8  DT B "H2''" 1 
ATOM 629 H "H1'"  . DT B 1 8  ? -5.772  -4.329  0.086   1.00 0.00 ? 8  DT B "H1'"  1 
ATOM 630 H H3     . DT B 1 8  ? -1.401  -4.635  0.960   1.00 0.00 ? 8  DT B H3     1 
ATOM 631 H H71    . DT B 1 8  ? -3.452  -6.025  5.475   1.00 0.00 ? 8  DT B H71    1 
ATOM 632 H H72    . DT B 1 8  ? -3.656  -4.279  5.745   1.00 0.00 ? 8  DT B H72    1 
ATOM 633 H H73    . DT B 1 8  ? -2.027  -4.960  5.526   1.00 0.00 ? 8  DT B H73    1 
ATOM 634 H H6     . DT B 1 8  ? -5.282  -4.638  3.785   1.00 0.00 ? 8  DT B H6     1 
ATOM 635 P P      . DT B 1 9  ? -9.383  -6.164  0.053   1.00 0.00 ? 9  DT B P      1 
ATOM 636 O OP1    . DT B 1 9  ? -10.579 -5.982  -0.802  1.00 0.00 ? 9  DT B OP1    1 
ATOM 637 O OP2    . DT B 1 9  ? -9.444  -7.076  1.219   1.00 0.00 ? 9  DT B OP2    1 
ATOM 638 O "O5'"  . DT B 1 9  ? -8.155  -6.627  -0.883  1.00 0.00 ? 9  DT B "O5'"  1 
ATOM 639 C "C5'"  . DT B 1 9  ? -7.906  -5.972  -2.133  1.00 0.00 ? 9  DT B "C5'"  1 
ATOM 640 C "C4'"  . DT B 1 9  ? -6.729  -6.594  -2.883  1.00 0.00 ? 9  DT B "C4'"  1 
ATOM 641 O "O4'"  . DT B 1 9  ? -5.533  -6.494  -2.042  1.00 0.00 ? 9  DT B "O4'"  1 
ATOM 642 C "C3'"  . DT B 1 9  ? -6.856  -8.084  -3.170  1.00 0.00 ? 9  DT B "C3'"  1 
ATOM 643 O "O3'"  . DT B 1 9  ? -6.411  -8.246  -4.524  1.00 0.00 ? 9  DT B "O3'"  1 
ATOM 644 C "C2'"  . DT B 1 9  ? -5.950  -8.830  -2.250  1.00 0.00 ? 9  DT B "C2'"  1 
ATOM 645 C "C1'"  . DT B 1 9  ? -4.954  -7.799  -1.775  1.00 0.00 ? 9  DT B "C1'"  1 
ATOM 646 N N1     . DT B 1 9  ? -4.676  -7.915  -0.325  1.00 0.00 ? 9  DT B N1     1 
ATOM 647 C C2     . DT B 1 9  ? -3.362  -7.778  0.084   1.00 0.00 ? 9  DT B C2     1 
ATOM 648 O O2     . DT B 1 9  ? -2.438  -7.595  -0.704  1.00 0.00 ? 9  DT B O2     1 
ATOM 649 N N3     . DT B 1 9  ? -3.134  -7.872  1.440   1.00 0.00 ? 9  DT B N3     1 
ATOM 650 C C4     . DT B 1 9  ? -4.086  -8.088  2.413   1.00 0.00 ? 9  DT B C4     1 
ATOM 651 O O4     . DT B 1 9  ? -3.758  -8.145  3.593   1.00 0.00 ? 9  DT B O4     1 
ATOM 652 C C5     . DT B 1 9  ? -5.430  -8.223  1.904   1.00 0.00 ? 9  DT B C5     1 
ATOM 653 C C7     . DT B 1 9  ? -6.581  -8.486  2.873   1.00 0.00 ? 9  DT B C7     1 
ATOM 654 C C6     . DT B 1 9  ? -5.683  -8.134  0.582   1.00 0.00 ? 9  DT B C6     1 
ATOM 655 H "H5'"  . DT B 1 9  ? -7.689  -4.921  -1.946  1.00 0.00 ? 9  DT B "H5'"  1 
ATOM 656 H "H5''" . DT B 1 9  ? -8.799  -6.045  -2.755  1.00 0.00 ? 9  DT B "H5''" 1 
ATOM 657 H "H4'"  . DT B 1 9  ? -6.563  -6.038  -3.807  1.00 0.00 ? 9  DT B "H4'"  1 
ATOM 658 H "H3'"  . DT B 1 9  ? -7.884  -8.436  -3.064  1.00 0.00 ? 9  DT B "H3'"  1 
ATOM 659 H "H2'"  . DT B 1 9  ? -6.518  -9.221  -1.407  1.00 0.00 ? 9  DT B "H2'"  1 
ATOM 660 H "H2''" . DT B 1 9  ? -5.448  -9.641  -2.771  1.00 0.00 ? 9  DT B "H2''" 1 
ATOM 661 H "H1'"  . DT B 1 9  ? -4.026  -7.907  -2.337  1.00 0.00 ? 9  DT B "H1'"  1 
ATOM 662 H H3     . DT B 1 9  ? -2.178  -7.773  1.750   1.00 0.00 ? 9  DT B H3     1 
ATOM 663 H H71    . DT B 1 9  ? -6.206  -8.469  3.897   1.00 0.00 ? 9  DT B H71    1 
ATOM 664 H H72    . DT B 1 9  ? -7.019  -9.462  2.663   1.00 0.00 ? 9  DT B H72    1 
ATOM 665 H H73    . DT B 1 9  ? -7.343  -7.714  2.753   1.00 0.00 ? 9  DT B H73    1 
ATOM 666 H H6     . DT B 1 9  ? -6.710  -8.229  0.229   1.00 0.00 ? 9  DT B H6     1 
ATOM 667 P P      . DA B 1 10 ? -6.345  -9.702  -5.220  1.00 0.00 ? 10 DA B P      1 
ATOM 668 O OP1    . DA B 1 10 ? -6.816  -9.568  -6.617  1.00 0.00 ? 10 DA B OP1    1 
ATOM 669 O OP2    . DA B 1 10 ? -6.990  -10.683 -4.317  1.00 0.00 ? 10 DA B OP2    1 
ATOM 670 O "O5'"  . DA B 1 10 ? -4.762  -10.008 -5.246  1.00 0.00 ? 10 DA B "O5'"  1 
ATOM 671 C "C5'"  . DA B 1 10 ? -3.902  -9.336  -6.177  1.00 0.00 ? 10 DA B "C5'"  1 
ATOM 672 C "C4'"  . DA B 1 10 ? -2.529  -9.999  -6.269  1.00 0.00 ? 10 DA B "C4'"  1 
ATOM 673 O "O4'"  . DA B 1 10 ? -1.839  -9.844  -4.989  1.00 0.00 ? 10 DA B "O4'"  1 
ATOM 674 C "C3'"  . DA B 1 10 ? -2.558  -11.504 -6.494  1.00 0.00 ? 10 DA B "C3'"  1 
ATOM 675 O "O3'"  . DA B 1 10 ? -1.521  -11.765 -7.454  1.00 0.00 ? 10 DA B "O3'"  1 
ATOM 676 C "C2'"  . DA B 1 10 ? -2.247  -12.186 -5.206  1.00 0.00 ? 10 DA B "C2'"  1 
ATOM 677 C "C1'"  . DA B 1 10 ? -1.599  -11.127 -4.349  1.00 0.00 ? 10 DA B "C1'"  1 
ATOM 678 N N9     . DA B 1 10 ? -2.175  -11.092 -2.992  1.00 0.00 ? 10 DA B N9     1 
ATOM 679 C C8     . DA B 1 10 ? -3.494  -11.120 -2.619  1.00 0.00 ? 10 DA B C8     1 
ATOM 680 N N7     . DA B 1 10 ? -3.676  -11.038 -1.330  1.00 0.00 ? 10 DA B N7     1 
ATOM 681 C C5     . DA B 1 10 ? -2.385  -10.952 -0.819  1.00 0.00 ? 10 DA B C5     1 
ATOM 682 C C6     . DA B 1 10 ? -1.884  -10.841 0.488   1.00 0.00 ? 10 DA B C6     1 
ATOM 683 N N6     . DA B 1 10 ? -2.654  -10.785 1.570   1.00 0.00 ? 10 DA B N6     1 
ATOM 684 N N1     . DA B 1 10 ? -0.553  -10.780 0.643   1.00 0.00 ? 10 DA B N1     1 
ATOM 685 C C2     . DA B 1 10 ? 0.226   -10.824 -0.432  1.00 0.00 ? 10 DA B C2     1 
ATOM 686 N N3     . DA B 1 10 ? -0.119  -10.925 -1.705  1.00 0.00 ? 10 DA B N3     1 
ATOM 687 C C4     . DA B 1 10 ? -1.463  -10.985 -1.824  1.00 0.00 ? 10 DA B C4     1 
ATOM 688 H "H5'"  . DA B 1 10 ? -3.776  -8.300  -5.860  1.00 0.00 ? 10 DA B "H5'"  1 
ATOM 689 H "H5''" . DA B 1 10 ? -4.368  -9.351  -7.162  1.00 0.00 ? 10 DA B "H5''" 1 
ATOM 690 H "H4'"  . DA B 1 10 ? -1.948  -9.506  -7.048  1.00 0.00 ? 10 DA B "H4'"  1 
ATOM 691 H "H3'"  . DA B 1 10 ? -3.521  -11.839 -6.880  1.00 0.00 ? 10 DA B "H3'"  1 
ATOM 692 H "H2'"  . DA B 1 10 ? -3.168  -12.532 -4.738  1.00 0.00 ? 10 DA B "H2'"  1 
ATOM 693 H "H2''" . DA B 1 10 ? -1.569  -13.022 -5.361  1.00 0.00 ? 10 DA B "H2''" 1 
ATOM 694 H "H1'"  . DA B 1 10 ? -0.526  -11.311 -4.288  1.00 0.00 ? 10 DA B "H1'"  1 
ATOM 695 H H8     . DA B 1 10 ? -4.313  -11.206 -3.333  1.00 0.00 ? 10 DA B H8     1 
ATOM 696 H H61    . DA B 1 10 ? -2.235  -10.662 2.483   1.00 0.00 ? 10 DA B H61    1 
ATOM 697 H H62    . DA B 1 10 ? -3.655  -10.870 1.481   1.00 0.00 ? 10 DA B H62    1 
ATOM 698 H H2     . DA B 1 10 ? 1.297   -10.768 -0.239  1.00 0.00 ? 10 DA B H2     1 
ATOM 699 P P      . DC B 1 11 ? -1.109  -13.274 -7.855  1.00 0.00 ? 11 DC B P      1 
ATOM 700 O OP1    . DC B 1 11 ? -0.479  -13.243 -9.195  1.00 0.00 ? 11 DC B OP1    1 
ATOM 701 O OP2    . DC B 1 11 ? -2.273  -14.156 -7.608  1.00 0.00 ? 11 DC B OP2    1 
ATOM 702 O "O5'"  . DC B 1 11 ? 0.031   -13.629 -6.767  1.00 0.00 ? 11 DC B "O5'"  1 
ATOM 703 C "C5'"  . DC B 1 11 ? 1.329   -13.028 -6.852  1.00 0.00 ? 11 DC B "C5'"  1 
ATOM 704 C "C4'"  . DC B 1 11 ? 2.278   -13.542 -5.769  1.00 0.00 ? 11 DC B "C4'"  1 
ATOM 705 O "O4'"  . DC B 1 11 ? 1.718   -13.208 -4.454  1.00 0.00 ? 11 DC B "O4'"  1 
ATOM 706 C "C3'"  . DC B 1 11 ? 2.446   -15.058 -5.721  1.00 0.00 ? 11 DC B "C3'"  1 
ATOM 707 O "O3'"  . DC B 1 11 ? 3.856   -15.274 -5.557  1.00 0.00 ? 11 DC B "O3'"  1 
ATOM 708 C "C2'"  . DC B 1 11 ? 1.722   -15.578 -4.527  1.00 0.00 ? 11 DC B "C2'"  1 
ATOM 709 C "C1'"  . DC B 1 11 ? 1.621   -14.387 -3.610  1.00 0.00 ? 11 DC B "C1'"  1 
ATOM 710 N N1     . DC B 1 11 ? 0.342   -14.356 -2.869  1.00 0.00 ? 11 DC B N1     1 
ATOM 711 C C2     . DC B 1 11 ? 0.398   -14.132 -1.501  1.00 0.00 ? 11 DC B C2     1 
ATOM 712 O O2     . DC B 1 11 ? 1.480   -13.985 -0.938  1.00 0.00 ? 11 DC B O2     1 
ATOM 713 N N3     . DC B 1 11 ? -0.763  -14.084 -0.796  1.00 0.00 ? 11 DC B N3     1 
ATOM 714 C C4     . DC B 1 11 ? -1.939  -14.250 -1.408  1.00 0.00 ? 11 DC B C4     1 
ATOM 715 N N4     . DC B 1 11 ? -3.037  -14.186 -0.661  1.00 0.00 ? 11 DC B N4     1 
ATOM 716 C C5     . DC B 1 11 ? -2.009  -14.483 -2.816  1.00 0.00 ? 11 DC B C5     1 
ATOM 717 C C6     . DC B 1 11 ? -0.853  -14.529 -3.504  1.00 0.00 ? 11 DC B C6     1 
ATOM 718 H "H5'"  . DC B 1 11 ? 1.229   -11.947 -6.748  1.00 0.00 ? 11 DC B "H5'"  1 
ATOM 719 H "H5''" . DC B 1 11 ? 1.759   -13.250 -7.830  1.00 0.00 ? 11 DC B "H5''" 1 
ATOM 720 H "H4'"  . DC B 1 11 ? 3.245   -13.052 -5.880  1.00 0.00 ? 11 DC B "H4'"  1 
ATOM 721 H "H3'"  . DC B 1 11 ? 2.088   -15.542 -6.630  1.00 0.00 ? 11 DC B "H3'"  1 
ATOM 722 H "H2'"  . DC B 1 11 ? 0.728   -15.915 -4.815  1.00 0.00 ? 11 DC B "H2'"  1 
ATOM 723 H "H2''" . DC B 1 11 ? 2.272   -16.388 -4.055  1.00 0.00 ? 11 DC B "H2''" 1 
ATOM 724 H "H1'"  . DC B 1 11 ? 2.454   -14.399 -2.906  1.00 0.00 ? 11 DC B "H1'"  1 
ATOM 725 H H41    . DC B 1 11 ? -2.961  -14.016 0.333   1.00 0.00 ? 11 DC B H41    1 
ATOM 726 H H42    . DC B 1 11 ? -3.944  -14.307 -1.085  1.00 0.00 ? 11 DC B H42    1 
ATOM 727 H H5     . DC B 1 11 ? -2.962  -14.618 -3.325  1.00 0.00 ? 11 DC B H5     1 
ATOM 728 H H6     . DC B 1 11 ? -0.872  -14.709 -4.579  1.00 0.00 ? 11 DC B H6     1 
ATOM 729 P P      . DG B 1 12 ? 4.477   -16.764 -5.478  1.00 0.00 ? 12 DG B P      1 
ATOM 730 O OP1    . DG B 1 12 ? 5.682   -16.810 -6.335  1.00 0.00 ? 12 DG B OP1    1 
ATOM 731 O OP2    . DG B 1 12 ? 3.384   -17.740 -5.692  1.00 0.00 ? 12 DG B OP2    1 
ATOM 732 O "O5'"  . DG B 1 12 ? 4.948   -16.869 -3.937  1.00 0.00 ? 12 DG B "O5'"  1 
ATOM 733 C "C5'"  . DG B 1 12 ? 6.108   -16.159 -3.478  1.00 0.00 ? 12 DG B "C5'"  1 
ATOM 734 C "C4'"  . DG B 1 12 ? 6.510   -16.571 -2.061  1.00 0.00 ? 12 DG B "C4'"  1 
ATOM 735 O "O4'"  . DG B 1 12 ? 5.427   -16.229 -1.138  1.00 0.00 ? 12 DG B "O4'"  1 
ATOM 736 C "C3'"  . DG B 1 12 ? 6.714   -18.067 -1.860  1.00 0.00 ? 12 DG B "C3'"  1 
ATOM 737 O "O3'"  . DG B 1 12 ? 7.855   -18.279 -1.023  1.00 0.00 ? 12 DG B "O3'"  1 
ATOM 738 C "C2'"  . DG B 1 12 ? 5.500   -18.610 -1.181  1.00 0.00 ? 12 DG B "C2'"  1 
ATOM 739 C "C1'"  . DG B 1 12 ? 4.851   -17.415 -0.529  1.00 0.00 ? 12 DG B "C1'"  1 
ATOM 740 N N9     . DG B 1 12 ? 3.392   -17.402 -0.745  1.00 0.00 ? 12 DG B N9     1 
ATOM 741 C C8     . DG B 1 12 ? 2.701   -17.544 -1.919  1.00 0.00 ? 12 DG B C8     1 
ATOM 742 N N7     . DG B 1 12 ? 1.407   -17.465 -1.780  1.00 0.00 ? 12 DG B N7     1 
ATOM 743 C C5     . DG B 1 12 ? 1.229   -17.257 -0.417  1.00 0.00 ? 12 DG B C5     1 
ATOM 744 C C6     . DG B 1 12 ? 0.032   -17.094 0.334   1.00 0.00 ? 12 DG B C6     1 
ATOM 745 O O6     . DG B 1 12 ? -1.129  -17.093 -0.068  1.00 0.00 ? 12 DG B O6     1 
ATOM 746 N N1     . DG B 1 12 ? 0.296   -16.911 1.678   1.00 0.00 ? 12 DG B N1     1 
ATOM 747 C C2     . DG B 1 12 ? 1.547   -16.885 2.239   1.00 0.00 ? 12 DG B C2     1 
ATOM 748 N N2     . DG B 1 12 ? 1.614   -16.687 3.548   1.00 0.00 ? 12 DG B N2     1 
ATOM 749 N N3     . DG B 1 12 ? 2.678   -17.035 1.552   1.00 0.00 ? 12 DG B N3     1 
ATOM 750 C C4     . DG B 1 12 ? 2.441   -17.218 0.228   1.00 0.00 ? 12 DG B C4     1 
ATOM 751 H "H5'"  . DG B 1 12 ? 5.897   -15.089 -3.489  1.00 0.00 ? 12 DG B "H5'"  1 
ATOM 752 H "H5''" . DG B 1 12 ? 6.938   -16.364 -4.154  1.00 0.00 ? 12 DG B "H5''" 1 
ATOM 753 H "H4'"  . DG B 1 12 ? 7.406   -16.020 -1.776  1.00 0.00 ? 12 DG B "H4'"  1 
ATOM 754 H "H3'"  . DG B 1 12 ? 6.844   -18.570 -2.819  1.00 0.00 ? 12 DG B "H3'"  1 
ATOM 755 H "HO3'" . DG B 1 12 ? 7.703   -17.795 -0.207  1.00 0.00 ? 12 DG B "HO3'" 1 
ATOM 756 H "H2'"  . DG B 1 12 ? 4.825   -19.043 -1.920  1.00 0.00 ? 12 DG B "H2'"  1 
ATOM 757 H "H2''" . DG B 1 12 ? 5.771   -19.358 -0.437  1.00 0.00 ? 12 DG B "H2''" 1 
ATOM 758 H "H1'"  . DG B 1 12 ? 5.064   -17.419 0.540   1.00 0.00 ? 12 DG B "H1'"  1 
ATOM 759 H H8     . DG B 1 12 ? 3.188   -17.712 -2.879  1.00 0.00 ? 12 DG B H8     1 
ATOM 760 H H1     . DG B 1 12 ? -0.498  -16.792 2.287   1.00 0.00 ? 12 DG B H1     1 
ATOM 761 H H21    . DG B 1 12 ? 0.766   -16.601 4.092   1.00 0.00 ? 12 DG B H21    1 
ATOM 762 H H22    . DG B 1 12 ? 2.513   -16.619 4.001   1.00 0.00 ? 12 DG B H22    1 
# 
